data_5BUK
#
_entry.id   5BUK
#
_cell.length_a   62.831
_cell.length_b   73.276
_cell.length_c   189.717
_cell.angle_alpha   90.00
_cell.angle_beta   90.00
_cell.angle_gamma   90.00
#
_symmetry.space_group_name_H-M   'P 21 21 21'
#
loop_
_entity.id
_entity.type
_entity.pdbx_description
1 polymer 'FADH2-dependent halogenase'
2 non-polymer 'FLAVIN-ADENINE DINUCLEOTIDE'
3 non-polymer GLYCEROL
4 water water
#
_entity_poly.entity_id   1
_entity_poly.type   'polypeptide(L)'
_entity_poly.pdbx_seq_one_letter_code
;SGSMEPQFDVGIIGGGPAGSTTASYLARAGLKVALFESDNFPREHVGESLVPATTPVLVDIDAFDKVEAAGFPKKFGAAW
TSADSGPSDKMGFTGLDHDFRAAEIMFNERTQSGVHKDYTFHVDRGQFDLLLLKHAEEQGAKVHQGVRVNRVNFDGAFPV
LETSVAGQRAKVPVKMVVDASGRRTQLGSQLKVKEKDPVFNQYAIHTWFDNFDRKALAVDQSQSDFIFIHFLPVIDTWVW
QIPITDTITSVGVVTQKERLKASKDDLEKFFWDTLGSRPELHKALKESEQVRPLKTEGDYSYALTKVCGDNFLMVGDAAR
FVDPIFSSGVSVALNSARIASADIIAAHRAGDYSKKRFDTYESMLRRGVNNWYEFISIYYRLNILFTAFVQDPRYRIDVL
KMLQGDVYDDEEPKALAAMREIVKAVEEDPNHLWHPFLGSLKAPSAKAMF
;
_entity_poly.pdbx_strand_id   A,B
#
# COMPACT_ATOMS: atom_id res chain seq x y z
N GLU A 5 -24.22 -8.53 -23.48
CA GLU A 5 -23.25 -7.63 -22.83
C GLU A 5 -22.43 -6.84 -23.83
N PRO A 6 -22.07 -5.60 -23.48
CA PRO A 6 -21.32 -4.74 -24.40
C PRO A 6 -20.02 -5.39 -24.86
N GLN A 7 -19.69 -5.13 -26.12
CA GLN A 7 -18.44 -5.55 -26.74
C GLN A 7 -17.26 -4.99 -25.95
N PHE A 8 -17.31 -3.70 -25.64
CA PHE A 8 -16.19 -3.06 -24.95
C PHE A 8 -16.24 -3.25 -23.45
N ASP A 9 -15.12 -3.64 -22.86
CA ASP A 9 -15.05 -3.80 -21.40
C ASP A 9 -15.06 -2.44 -20.71
N VAL A 10 -14.31 -1.49 -21.24
CA VAL A 10 -14.13 -0.22 -20.57
C VAL A 10 -14.20 0.93 -21.56
N GLY A 11 -14.92 1.98 -21.20
CA GLY A 11 -14.96 3.18 -22.00
C GLY A 11 -14.32 4.28 -21.21
N ILE A 12 -13.37 4.99 -21.82
CA ILE A 12 -12.62 6.03 -21.11
C ILE A 12 -12.93 7.41 -21.66
N ILE A 13 -13.31 8.31 -20.77
CA ILE A 13 -13.55 9.70 -21.15
C ILE A 13 -12.27 10.48 -20.95
N GLY A 14 -11.66 10.93 -22.05
CA GLY A 14 -10.44 11.72 -21.98
C GLY A 14 -9.17 10.94 -22.32
N GLY A 15 -8.23 11.59 -23.00
CA GLY A 15 -7.00 10.93 -23.41
C GLY A 15 -5.76 11.69 -22.99
N GLY A 16 -5.86 12.40 -21.87
CA GLY A 16 -4.68 13.02 -21.24
C GLY A 16 -3.91 11.92 -20.53
N PRO A 17 -2.90 12.28 -19.72
CA PRO A 17 -2.07 11.27 -19.03
C PRO A 17 -2.86 10.21 -18.26
N ALA A 18 -3.88 10.61 -17.51
CA ALA A 18 -4.66 9.62 -16.76
C ALA A 18 -5.41 8.64 -17.68
N GLY A 19 -6.07 9.19 -18.70
CA GLY A 19 -6.84 8.36 -19.61
C GLY A 19 -5.98 7.47 -20.47
N SER A 20 -4.89 8.00 -20.99
CA SER A 20 -4.05 7.17 -21.85
C SER A 20 -3.34 6.09 -21.06
N THR A 21 -2.89 6.44 -19.85
CA THR A 21 -2.24 5.45 -18.98
C THR A 21 -3.20 4.32 -18.59
N THR A 22 -4.45 4.68 -18.27
CA THR A 22 -5.46 3.67 -17.95
C THR A 22 -5.67 2.75 -19.15
N ALA A 23 -5.84 3.35 -20.33
CA ALA A 23 -6.02 2.57 -21.55
C ALA A 23 -4.86 1.59 -21.77
N SER A 24 -3.63 2.04 -21.54
CA SER A 24 -2.47 1.17 -21.74
C SER A 24 -2.42 0.00 -20.77
N TYR A 25 -2.62 0.28 -19.48
CA TYR A 25 -2.70 -0.81 -18.51
C TYR A 25 -3.76 -1.84 -18.88
N LEU A 26 -4.95 -1.36 -19.25
CA LEU A 26 -6.09 -2.24 -19.45
C LEU A 26 -5.95 -3.01 -20.76
N ALA A 27 -5.52 -2.32 -21.82
CA ALA A 27 -5.29 -2.99 -23.10
C ALA A 27 -4.19 -4.03 -22.98
N ARG A 28 -3.15 -3.71 -22.21
CA ARG A 28 -2.05 -4.66 -22.04
C ARG A 28 -2.50 -5.88 -21.26
N ALA A 29 -3.54 -5.71 -20.45
CA ALA A 29 -4.08 -6.83 -19.67
C ALA A 29 -5.08 -7.64 -20.49
N GLY A 30 -5.34 -7.20 -21.71
CA GLY A 30 -6.22 -7.92 -22.61
C GLY A 30 -7.68 -7.50 -22.59
N LEU A 31 -8.00 -6.41 -21.90
CA LEU A 31 -9.38 -5.90 -21.91
C LEU A 31 -9.65 -5.12 -23.19
N LYS A 32 -10.91 -5.06 -23.62
CA LYS A 32 -11.27 -4.31 -24.82
C LYS A 32 -11.58 -2.90 -24.38
N VAL A 33 -10.79 -1.93 -24.86
CA VAL A 33 -10.90 -0.56 -24.34
C VAL A 33 -11.21 0.43 -25.46
N ALA A 34 -12.22 1.27 -25.24
CA ALA A 34 -12.53 2.38 -26.14
C ALA A 34 -12.29 3.69 -25.39
N LEU A 35 -11.54 4.59 -26.01
CA LEU A 35 -11.23 5.87 -25.39
C LEU A 35 -11.72 7.02 -26.27
N PHE A 36 -12.29 8.04 -25.65
CA PHE A 36 -12.84 9.18 -26.37
C PHE A 36 -12.24 10.50 -25.87
N GLU A 37 -11.58 11.22 -26.78
CA GLU A 37 -10.95 12.49 -26.46
C GLU A 37 -11.64 13.58 -27.26
N SER A 38 -12.14 14.60 -26.57
CA SER A 38 -12.86 15.70 -27.22
CA SER A 38 -12.88 15.67 -27.24
C SER A 38 -12.01 16.46 -28.23
N ASP A 39 -10.74 16.65 -27.89
CA ASP A 39 -9.85 17.45 -28.73
C ASP A 39 -9.12 16.59 -29.74
N ASN A 40 -8.36 17.24 -30.62
CA ASN A 40 -7.40 16.54 -31.46
C ASN A 40 -6.02 16.92 -31.01
N PHE A 41 -5.19 15.92 -30.70
CA PHE A 41 -3.82 16.15 -30.27
C PHE A 41 -2.91 16.44 -31.48
N PRO A 42 -1.83 17.21 -31.26
CA PRO A 42 -1.46 17.79 -29.96
C PRO A 42 -2.26 19.05 -29.62
N ARG A 43 -2.50 19.27 -28.33
CA ARG A 43 -3.19 20.47 -27.89
C ARG A 43 -2.48 21.04 -26.66
N GLU A 44 -2.43 22.36 -26.57
CA GLU A 44 -1.71 23.04 -25.50
C GLU A 44 -2.35 22.70 -24.15
N HIS A 45 -1.52 22.56 -23.11
CA HIS A 45 -2.00 22.21 -21.76
C HIS A 45 -0.89 22.53 -20.76
N VAL A 46 -1.25 23.18 -19.67
CA VAL A 46 -0.29 23.56 -18.62
C VAL A 46 0.00 22.32 -17.77
N GLY A 47 1.06 22.35 -16.96
CA GLY A 47 1.32 21.23 -16.07
C GLY A 47 2.46 20.37 -16.55
N GLU A 48 3.66 20.93 -16.51
CA GLU A 48 4.74 20.46 -17.36
C GLU A 48 5.84 19.72 -16.61
N SER A 49 5.92 19.91 -15.30
CA SER A 49 7.06 19.35 -14.56
C SER A 49 6.73 18.04 -13.84
N LEU A 50 7.41 16.97 -14.19
CA LEU A 50 7.07 15.66 -13.61
C LEU A 50 7.85 15.39 -12.33
N VAL A 51 7.35 14.45 -11.55
CA VAL A 51 8.16 13.86 -10.49
C VAL A 51 8.39 12.37 -10.80
N PRO A 52 9.44 11.79 -10.20
CA PRO A 52 9.90 10.44 -10.48
C PRO A 52 8.88 9.34 -10.21
N ALA A 53 7.85 9.59 -9.41
CA ALA A 53 6.78 8.60 -9.24
C ALA A 53 6.04 8.32 -10.57
N THR A 54 6.28 9.14 -11.58
CA THR A 54 5.76 8.85 -12.93
C THR A 54 6.54 7.70 -13.56
N THR A 55 7.80 7.54 -13.15
CA THR A 55 8.68 6.59 -13.83
C THR A 55 8.26 5.13 -13.74
N PRO A 56 7.87 4.65 -12.55
CA PRO A 56 7.55 3.22 -12.51
C PRO A 56 6.31 2.91 -13.35
N VAL A 57 5.42 3.88 -13.48
CA VAL A 57 4.21 3.70 -14.27
C VAL A 57 4.58 3.69 -15.78
N LEU A 58 5.42 4.63 -16.20
CA LEU A 58 5.88 4.63 -17.60
C LEU A 58 6.58 3.32 -17.96
N VAL A 59 7.37 2.79 -17.03
CA VAL A 59 8.00 1.49 -17.25
C VAL A 59 6.95 0.37 -17.30
N ASP A 60 6.00 0.37 -16.37
CA ASP A 60 4.94 -0.64 -16.36
C ASP A 60 4.28 -0.81 -17.73
N ILE A 61 3.92 0.32 -18.36
CA ILE A 61 3.18 0.27 -19.63
C ILE A 61 4.11 0.29 -20.82
N ASP A 62 5.42 0.28 -20.56
CA ASP A 62 6.47 0.25 -21.57
C ASP A 62 6.52 1.50 -22.45
N ALA A 63 6.28 2.66 -21.83
CA ALA A 63 6.33 3.95 -22.49
C ALA A 63 7.57 4.75 -22.12
N PHE A 64 8.33 4.29 -21.14
CA PHE A 64 9.45 5.10 -20.67
C PHE A 64 10.49 5.39 -21.76
N ASP A 65 10.85 4.35 -22.51
CA ASP A 65 11.84 4.48 -23.58
C ASP A 65 11.43 5.52 -24.62
N LYS A 66 10.16 5.52 -25.03
CA LYS A 66 9.69 6.51 -26.00
C LYS A 66 9.78 7.92 -25.41
N VAL A 67 9.41 8.04 -24.15
CA VAL A 67 9.42 9.35 -23.50
C VAL A 67 10.84 9.89 -23.44
N GLU A 68 11.76 9.00 -23.06
CA GLU A 68 13.18 9.34 -23.00
C GLU A 68 13.71 9.68 -24.37
N ALA A 69 13.22 9.00 -25.40
CA ALA A 69 13.70 9.20 -26.76
C ALA A 69 13.21 10.51 -27.37
N ALA A 70 12.12 11.05 -26.82
CA ALA A 70 11.53 12.26 -27.36
C ALA A 70 12.40 13.49 -27.16
N GLY A 71 13.32 13.44 -26.21
CA GLY A 71 14.21 14.57 -25.97
C GLY A 71 13.64 15.68 -25.10
N PHE A 72 12.71 15.35 -24.21
CA PHE A 72 12.25 16.32 -23.20
C PHE A 72 13.41 16.67 -22.25
N PRO A 73 13.44 17.91 -21.73
CA PRO A 73 14.52 18.28 -20.80
C PRO A 73 14.55 17.37 -19.57
N LYS A 74 15.73 16.89 -19.20
CA LYS A 74 15.87 16.04 -18.03
C LYS A 74 15.74 16.86 -16.74
N LYS A 75 15.01 16.33 -15.78
CA LYS A 75 14.82 16.98 -14.48
C LYS A 75 15.46 16.16 -13.36
N PHE A 76 16.63 16.60 -12.89
CA PHE A 76 17.34 15.93 -11.79
C PHE A 76 16.94 16.44 -10.42
N GLY A 77 16.20 17.52 -10.36
CA GLY A 77 15.87 18.07 -9.06
C GLY A 77 14.97 19.28 -9.10
N ALA A 78 14.83 19.92 -7.94
CA ALA A 78 13.88 20.98 -7.78
C ALA A 78 14.36 21.97 -6.73
N ALA A 79 13.99 23.23 -6.88
CA ALA A 79 14.36 24.24 -5.90
C ALA A 79 13.15 25.09 -5.56
N TRP A 80 12.97 25.33 -4.26
CA TRP A 80 11.90 26.19 -3.74
C TRP A 80 12.56 27.35 -2.99
N THR A 81 12.31 28.56 -3.45
CA THR A 81 12.86 29.74 -2.82
C THR A 81 11.75 30.59 -2.19
N SER A 82 12.10 31.41 -1.21
CA SER A 82 11.13 32.34 -0.63
C SER A 82 11.69 33.76 -0.57
N ALA A 83 10.82 34.77 -0.62
CA ALA A 83 11.27 36.15 -0.46
C ALA A 83 11.56 36.48 1.00
N ASP A 84 11.11 35.60 1.90
CA ASP A 84 11.26 35.78 3.34
C ASP A 84 12.56 35.11 3.81
N SER A 85 13.38 35.83 4.58
CA SER A 85 14.62 35.24 5.09
C SER A 85 14.37 34.43 6.35
N GLY A 86 13.23 34.69 6.98
CA GLY A 86 12.83 33.90 8.13
C GLY A 86 13.47 34.35 9.43
N PRO A 87 13.12 33.67 10.53
CA PRO A 87 13.55 34.05 11.89
C PRO A 87 15.04 33.82 12.12
N SER A 88 15.63 34.58 13.04
CA SER A 88 17.05 34.45 13.33
C SER A 88 17.31 33.15 14.07
N ASP A 89 16.37 32.78 14.93
CA ASP A 89 16.49 31.54 15.69
C ASP A 89 16.04 30.38 14.80
N LYS A 90 17.01 29.61 14.31
CA LYS A 90 16.74 28.48 13.44
C LYS A 90 16.29 27.25 14.22
N MET A 91 16.23 27.38 15.55
CA MET A 91 15.66 26.33 16.39
C MET A 91 16.36 24.98 16.22
N GLY A 92 17.66 25.02 15.96
CA GLY A 92 18.46 23.80 15.89
C GLY A 92 18.45 23.10 14.54
N PHE A 93 17.72 23.65 13.57
CA PHE A 93 17.71 23.11 12.22
C PHE A 93 19.00 23.46 11.49
N THR A 94 19.60 22.47 10.82
CA THR A 94 20.82 22.70 10.06
C THR A 94 20.60 22.59 8.55
N GLY A 95 21.57 23.06 7.77
CA GLY A 95 21.49 22.95 6.33
C GLY A 95 20.83 24.16 5.70
N LEU A 96 20.46 25.14 6.53
CA LEU A 96 19.87 26.36 6.02
C LEU A 96 20.96 27.35 5.60
N ASP A 97 21.64 27.05 4.50
CA ASP A 97 22.81 27.82 4.06
C ASP A 97 22.45 29.24 3.61
N HIS A 98 21.17 29.47 3.31
CA HIS A 98 20.74 30.80 2.87
C HIS A 98 19.55 31.26 3.70
N ASP A 99 19.73 31.20 5.01
CA ASP A 99 18.65 31.41 5.97
C ASP A 99 17.47 30.56 5.49
N PHE A 100 16.28 31.14 5.47
CA PHE A 100 15.11 30.39 5.02
C PHE A 100 14.75 30.74 3.58
N ARG A 101 15.71 31.32 2.86
CA ARG A 101 15.44 31.80 1.51
C ARG A 101 15.41 30.68 0.45
N ALA A 102 16.01 29.54 0.76
CA ALA A 102 16.18 28.52 -0.29
C ALA A 102 16.23 27.08 0.22
N ALA A 103 15.48 26.22 -0.44
CA ALA A 103 15.61 24.79 -0.30
C ALA A 103 15.76 24.13 -1.67
N GLU A 104 16.50 23.03 -1.71
CA GLU A 104 16.83 22.38 -2.97
C GLU A 104 17.02 20.89 -2.75
N ILE A 105 16.55 20.08 -3.68
CA ILE A 105 16.84 18.63 -3.62
C ILE A 105 17.21 18.04 -4.98
N MET A 106 17.93 16.93 -4.95
CA MET A 106 18.09 16.10 -6.13
C MET A 106 17.38 14.79 -5.88
N PHE A 107 16.69 14.30 -6.89
CA PHE A 107 15.87 13.10 -6.74
C PHE A 107 16.72 11.90 -6.38
N ASN A 108 17.96 11.87 -6.86
CA ASN A 108 18.79 10.69 -6.63
C ASN A 108 19.34 10.57 -5.19
N GLU A 109 18.95 11.49 -4.31
CA GLU A 109 19.43 11.45 -2.94
C GLU A 109 18.75 10.35 -2.14
N ARG A 110 17.63 9.87 -2.65
CA ARG A 110 16.93 8.78 -2.00
C ARG A 110 16.60 7.73 -3.04
N THR A 111 16.88 6.47 -2.73
CA THR A 111 16.57 5.36 -3.63
C THR A 111 15.06 5.17 -3.70
N GLN A 112 14.54 5.15 -4.91
CA GLN A 112 13.10 5.06 -5.09
C GLN A 112 12.70 3.80 -5.85
N SER A 113 11.91 2.96 -5.20
CA SER A 113 11.50 1.69 -5.77
C SER A 113 10.88 1.84 -7.17
N GLY A 114 11.37 1.05 -8.12
CA GLY A 114 10.85 1.08 -9.49
C GLY A 114 11.41 2.20 -10.36
N VAL A 115 12.27 3.03 -9.78
CA VAL A 115 12.90 4.12 -10.53
C VAL A 115 14.37 3.78 -10.78
N HIS A 116 14.75 3.76 -12.05
CA HIS A 116 16.07 3.26 -12.46
C HIS A 116 16.96 4.37 -13.00
N LYS A 117 16.47 5.60 -12.96
CA LYS A 117 17.20 6.77 -13.46
C LYS A 117 17.27 7.87 -12.40
N ASP A 118 18.27 8.74 -12.52
CA ASP A 118 18.47 9.84 -11.58
C ASP A 118 17.61 11.06 -11.95
N TYR A 119 16.91 10.97 -13.07
CA TYR A 119 16.14 12.09 -13.57
C TYR A 119 14.76 11.65 -14.02
N THR A 120 13.82 12.60 -13.96
CA THR A 120 12.58 12.52 -14.71
C THR A 120 12.63 13.67 -15.74
N PHE A 121 11.48 14.19 -16.16
CA PHE A 121 11.47 15.19 -17.23
C PHE A 121 10.57 16.39 -16.92
N HIS A 122 10.80 17.48 -17.64
CA HIS A 122 9.80 18.51 -17.82
C HIS A 122 9.33 18.33 -19.25
N VAL A 123 8.03 18.49 -19.50
CA VAL A 123 7.50 18.18 -20.83
C VAL A 123 6.60 19.26 -21.43
N ASP A 124 6.70 19.43 -22.75
CA ASP A 124 5.69 20.11 -23.57
C ASP A 124 4.52 19.15 -23.55
N ARG A 125 3.44 19.51 -22.86
CA ARG A 125 2.34 18.57 -22.61
C ARG A 125 1.57 18.23 -23.87
N GLY A 126 1.56 19.15 -24.83
CA GLY A 126 0.97 18.83 -26.13
C GLY A 126 1.65 17.60 -26.72
N GLN A 127 2.99 17.60 -26.72
CA GLN A 127 3.75 16.49 -27.29
C GLN A 127 3.71 15.25 -26.41
N PHE A 128 3.80 15.45 -25.11
CA PHE A 128 3.80 14.34 -24.15
C PHE A 128 2.47 13.57 -24.19
N ASP A 129 1.35 14.27 -24.17
CA ASP A 129 0.02 13.63 -24.18
C ASP A 129 -0.23 12.90 -25.48
N LEU A 130 0.26 13.47 -26.58
CA LEU A 130 0.13 12.81 -27.88
C LEU A 130 0.95 11.51 -27.91
N LEU A 131 2.16 11.58 -27.41
CA LEU A 131 3.04 10.42 -27.35
C LEU A 131 2.39 9.29 -26.59
N LEU A 132 1.86 9.59 -25.40
CA LEU A 132 1.19 8.59 -24.58
C LEU A 132 -0.11 8.08 -25.21
N LEU A 133 -0.83 8.96 -25.89
CA LEU A 133 -2.09 8.53 -26.49
C LEU A 133 -1.85 7.58 -27.67
N LYS A 134 -0.84 7.87 -28.49
CA LYS A 134 -0.47 6.96 -29.57
C LYS A 134 0.05 5.63 -29.02
N HIS A 135 0.79 5.71 -27.93
CA HIS A 135 1.26 4.51 -27.28
C HIS A 135 0.10 3.62 -26.83
N ALA A 136 -0.94 4.21 -26.22
CA ALA A 136 -2.09 3.43 -25.78
C ALA A 136 -2.75 2.73 -26.97
N GLU A 137 -2.87 3.46 -28.07
CA GLU A 137 -3.44 2.87 -29.28
C GLU A 137 -2.62 1.65 -29.69
N GLU A 138 -1.30 1.79 -29.63
CA GLU A 138 -0.40 0.70 -29.99
C GLU A 138 -0.55 -0.51 -29.06
N GLN A 139 -1.03 -0.26 -27.83
CA GLN A 139 -1.27 -1.35 -26.89
C GLN A 139 -2.55 -2.10 -27.22
N GLY A 140 -3.39 -1.48 -28.04
CA GLY A 140 -4.62 -2.12 -28.46
C GLY A 140 -5.88 -1.36 -28.07
N ALA A 141 -5.71 -0.24 -27.38
CA ALA A 141 -6.86 0.62 -27.08
C ALA A 141 -7.43 1.25 -28.36
N LYS A 142 -8.75 1.34 -28.45
CA LYS A 142 -9.43 1.99 -29.58
C LYS A 142 -9.66 3.47 -29.29
N VAL A 143 -8.88 4.30 -29.94
CA VAL A 143 -8.80 5.72 -29.62
C VAL A 143 -9.58 6.55 -30.63
N HIS A 144 -10.39 7.46 -30.11
CA HIS A 144 -11.13 8.39 -30.96
C HIS A 144 -10.80 9.79 -30.49
N GLN A 145 -10.57 10.69 -31.45
CA GLN A 145 -10.33 12.09 -31.13
C GLN A 145 -11.34 12.95 -31.87
N GLY A 146 -11.60 14.13 -31.31
CA GLY A 146 -12.64 14.98 -31.84
C GLY A 146 -14.02 14.45 -31.47
N VAL A 147 -14.04 13.51 -30.53
CA VAL A 147 -15.29 12.87 -30.13
C VAL A 147 -15.53 13.05 -28.64
N ARG A 148 -16.43 13.95 -28.30
CA ARG A 148 -16.67 14.33 -26.93
C ARG A 148 -17.71 13.39 -26.32
N VAL A 149 -17.54 13.07 -25.04
CA VAL A 149 -18.56 12.33 -24.33
C VAL A 149 -19.43 13.37 -23.63
N ASN A 150 -20.71 13.42 -23.97
CA ASN A 150 -21.61 14.46 -23.47
C ASN A 150 -22.19 14.10 -22.12
N ARG A 151 -22.42 12.82 -21.93
CA ARG A 151 -23.08 12.34 -20.72
C ARG A 151 -22.84 10.85 -20.62
N VAL A 152 -23.03 10.30 -19.43
CA VAL A 152 -23.01 8.85 -19.25
C VAL A 152 -24.42 8.46 -18.84
N ASN A 153 -25.02 7.54 -19.58
CA ASN A 153 -26.37 7.08 -19.23
C ASN A 153 -26.32 5.84 -18.37
N PHE A 154 -26.97 5.88 -17.21
CA PHE A 154 -27.00 4.74 -16.28
C PHE A 154 -28.34 4.01 -16.26
N ASP A 155 -29.18 4.25 -17.25
CA ASP A 155 -30.54 3.68 -17.26
C ASP A 155 -30.59 2.19 -17.56
N GLY A 156 -29.50 1.66 -18.13
CA GLY A 156 -29.45 0.26 -18.53
C GLY A 156 -28.65 -0.61 -17.57
N ALA A 157 -28.47 -1.89 -17.94
CA ALA A 157 -27.70 -2.81 -17.11
C ALA A 157 -26.23 -2.41 -17.09
N PHE A 158 -25.77 -1.86 -18.21
CA PHE A 158 -24.39 -1.39 -18.34
C PHE A 158 -24.41 0.08 -18.77
N PRO A 159 -23.42 0.86 -18.31
CA PRO A 159 -23.40 2.30 -18.60
C PRO A 159 -23.25 2.54 -20.09
N VAL A 160 -23.82 3.64 -20.57
CA VAL A 160 -23.70 4.00 -21.97
C VAL A 160 -23.11 5.39 -22.10
N LEU A 161 -22.01 5.51 -22.83
CA LEU A 161 -21.39 6.81 -23.11
C LEU A 161 -22.12 7.47 -24.29
N GLU A 162 -22.74 8.61 -24.04
CA GLU A 162 -23.37 9.37 -25.12
C GLU A 162 -22.33 10.30 -25.75
N THR A 163 -21.81 9.89 -26.91
CA THR A 163 -20.78 10.69 -27.57
C THR A 163 -21.40 11.53 -28.67
N SER A 164 -20.61 12.48 -29.17
CA SER A 164 -21.05 13.41 -30.20
C SER A 164 -20.14 13.26 -31.43
N VAL A 165 -20.73 12.93 -32.57
CA VAL A 165 -19.96 12.75 -33.79
C VAL A 165 -20.59 13.64 -34.84
N ALA A 166 -19.89 14.70 -35.25
CA ALA A 166 -20.46 15.61 -36.23
C ALA A 166 -21.92 15.95 -35.93
N GLY A 167 -22.20 16.39 -34.72
CA GLY A 167 -23.55 16.78 -34.34
C GLY A 167 -24.54 15.65 -34.17
N GLN A 168 -24.09 14.42 -34.36
CA GLN A 168 -24.94 13.25 -34.19
C GLN A 168 -24.62 12.56 -32.86
N ARG A 169 -25.65 12.00 -32.23
CA ARG A 169 -25.49 11.30 -30.96
C ARG A 169 -25.13 9.84 -31.25
N ALA A 170 -23.99 9.39 -30.73
CA ALA A 170 -23.57 8.00 -30.89
C ALA A 170 -23.43 7.36 -29.52
N LYS A 171 -24.34 6.44 -29.18
CA LYS A 171 -24.38 5.83 -27.84
C LYS A 171 -23.52 4.57 -27.73
N VAL A 172 -22.45 4.64 -26.95
CA VAL A 172 -21.54 3.51 -26.85
C VAL A 172 -21.69 2.77 -25.53
N PRO A 173 -22.30 1.58 -25.56
CA PRO A 173 -22.33 0.79 -24.33
C PRO A 173 -20.95 0.24 -23.96
N VAL A 174 -20.63 0.28 -22.67
CA VAL A 174 -19.44 -0.37 -22.14
C VAL A 174 -19.78 -1.00 -20.80
N LYS A 175 -18.98 -1.97 -20.37
CA LYS A 175 -19.23 -2.59 -19.07
C LYS A 175 -18.82 -1.67 -17.92
N MET A 176 -17.78 -0.86 -18.15
CA MET A 176 -17.18 -0.06 -17.09
C MET A 176 -16.75 1.29 -17.65
N VAL A 177 -17.09 2.37 -16.96
CA VAL A 177 -16.67 3.71 -17.36
C VAL A 177 -15.55 4.23 -16.48
N VAL A 178 -14.52 4.79 -17.12
CA VAL A 178 -13.47 5.50 -16.40
C VAL A 178 -13.51 6.95 -16.84
N ASP A 179 -13.78 7.84 -15.90
CA ASP A 179 -13.77 9.26 -16.19
C ASP A 179 -12.36 9.78 -15.98
N ALA A 180 -11.71 10.17 -17.07
CA ALA A 180 -10.37 10.72 -17.05
C ALA A 180 -10.41 12.08 -17.76
N SER A 181 -11.46 12.84 -17.46
CA SER A 181 -11.71 14.10 -18.12
C SER A 181 -10.95 15.27 -17.50
N GLY A 182 -10.03 14.99 -16.57
CA GLY A 182 -9.29 16.06 -15.92
C GLY A 182 -10.17 17.10 -15.23
N ARG A 183 -9.76 18.36 -15.32
CA ARG A 183 -10.42 19.44 -14.59
C ARG A 183 -11.83 19.70 -15.10
N ARG A 184 -12.17 19.09 -16.23
CA ARG A 184 -13.55 19.18 -16.72
C ARG A 184 -14.51 18.42 -15.81
N THR A 185 -13.98 17.51 -15.00
CA THR A 185 -14.77 16.64 -14.10
C THR A 185 -16.12 16.24 -14.68
N GLN A 186 -16.11 15.58 -15.83
CA GLN A 186 -17.32 15.30 -16.61
C GLN A 186 -18.38 14.53 -15.82
N LEU A 187 -17.97 13.43 -15.20
CA LEU A 187 -18.88 12.60 -14.44
C LEU A 187 -19.17 13.15 -13.04
N GLY A 188 -18.17 13.68 -12.37
CA GLY A 188 -18.37 14.29 -11.07
C GLY A 188 -19.39 15.43 -11.11
N SER A 189 -19.32 16.25 -12.16
CA SER A 189 -20.27 17.34 -12.33
C SER A 189 -21.67 16.82 -12.67
N GLN A 190 -21.75 15.81 -13.52
CA GLN A 190 -23.03 15.19 -13.83
C GLN A 190 -23.71 14.65 -12.57
N LEU A 191 -22.92 13.97 -11.73
CA LEU A 191 -23.44 13.35 -10.51
C LEU A 191 -23.60 14.34 -9.36
N LYS A 192 -23.10 15.57 -9.56
CA LYS A 192 -23.14 16.65 -8.56
C LYS A 192 -22.38 16.30 -7.29
N VAL A 193 -21.20 15.69 -7.44
CA VAL A 193 -20.43 15.28 -6.28
C VAL A 193 -19.14 16.11 -6.12
N LYS A 194 -18.99 17.16 -6.92
CA LYS A 194 -17.78 17.98 -6.92
C LYS A 194 -17.84 19.08 -5.87
N GLU A 195 -16.86 19.13 -4.98
CA GLU A 195 -16.83 20.15 -3.93
C GLU A 195 -15.59 21.03 -4.04
N LYS A 196 -15.79 22.30 -4.36
CA LYS A 196 -14.67 23.22 -4.49
C LYS A 196 -14.07 23.50 -3.12
N ASP A 197 -12.75 23.61 -3.08
CA ASP A 197 -12.06 23.88 -1.83
C ASP A 197 -12.33 25.31 -1.38
N PRO A 198 -12.78 25.49 -0.13
CA PRO A 198 -13.12 26.85 0.30
C PRO A 198 -11.88 27.76 0.38
N VAL A 199 -10.68 27.18 0.45
CA VAL A 199 -9.48 27.94 0.74
C VAL A 199 -8.48 28.03 -0.42
N PHE A 200 -8.21 26.89 -1.06
CA PHE A 200 -7.29 26.88 -2.20
C PHE A 200 -8.04 27.19 -3.49
N ASN A 201 -8.14 28.48 -3.79
CA ASN A 201 -8.87 28.94 -4.96
C ASN A 201 -7.96 29.60 -5.98
N GLN A 202 -6.80 28.98 -6.22
CA GLN A 202 -5.76 29.57 -7.06
C GLN A 202 -6.17 29.64 -8.52
N TYR A 203 -5.55 30.60 -9.21
CA TYR A 203 -5.62 30.75 -10.66
C TYR A 203 -4.21 31.03 -11.11
N ALA A 204 -3.91 30.74 -12.37
CA ALA A 204 -2.56 30.87 -12.88
C ALA A 204 -2.53 31.73 -14.13
N ILE A 205 -1.47 32.54 -14.26
CA ILE A 205 -1.21 33.31 -15.47
C ILE A 205 0.17 32.93 -15.95
N HIS A 206 0.29 32.44 -17.17
CA HIS A 206 1.55 31.83 -17.58
C HIS A 206 1.76 31.88 -19.09
N THR A 207 3.01 31.69 -19.51
CA THR A 207 3.32 31.60 -20.93
C THR A 207 4.69 30.95 -21.16
N TRP A 208 5.09 30.81 -22.43
CA TRP A 208 6.43 30.36 -22.79
C TRP A 208 7.29 31.52 -23.30
N PHE A 209 8.57 31.48 -22.98
CA PHE A 209 9.55 32.43 -23.49
C PHE A 209 10.65 31.67 -24.21
N ASP A 210 11.16 32.25 -25.30
CA ASP A 210 12.27 31.67 -26.05
C ASP A 210 13.51 32.55 -25.88
N ASN A 211 14.68 31.92 -25.87
CA ASN A 211 15.95 32.63 -25.75
C ASN A 211 16.09 33.42 -24.45
N PHE A 212 15.47 32.90 -23.41
CA PHE A 212 15.78 33.32 -22.05
C PHE A 212 16.84 32.33 -21.57
N ASP A 213 17.98 32.84 -21.11
CA ASP A 213 19.12 31.96 -20.77
C ASP A 213 19.08 31.50 -19.32
N ARG A 214 18.50 30.32 -19.09
CA ARG A 214 18.29 29.83 -17.72
C ARG A 214 19.58 29.80 -16.91
N LYS A 215 20.66 29.41 -17.56
CA LYS A 215 21.92 29.18 -16.89
C LYS A 215 22.54 30.51 -16.45
N ALA A 216 22.28 31.56 -17.23
CA ALA A 216 22.85 32.89 -16.96
C ALA A 216 22.36 33.51 -15.67
N LEU A 217 21.09 33.26 -15.32
CA LEU A 217 20.54 33.79 -14.08
C LEU A 217 20.64 32.83 -12.90
N ALA A 218 20.87 31.56 -13.18
CA ALA A 218 20.91 30.53 -12.13
C ALA A 218 22.00 30.80 -11.10
N VAL A 219 21.67 30.72 -9.81
CA VAL A 219 22.67 30.90 -8.76
C VAL A 219 23.57 29.65 -8.63
N ASP A 220 23.03 28.50 -9.01
CA ASP A 220 23.82 27.28 -9.18
C ASP A 220 23.67 26.87 -10.62
N GLN A 221 24.68 27.15 -11.45
CA GLN A 221 24.57 26.86 -12.88
C GLN A 221 24.25 25.41 -13.16
N SER A 222 24.75 24.50 -12.32
CA SER A 222 24.53 23.07 -12.52
C SER A 222 23.06 22.72 -12.30
N GLN A 223 22.29 23.66 -11.79
CA GLN A 223 20.90 23.40 -11.45
C GLN A 223 19.95 24.14 -12.38
N SER A 224 20.49 24.70 -13.47
CA SER A 224 19.69 25.59 -14.31
C SER A 224 18.51 24.89 -14.96
N ASP A 225 18.54 23.56 -15.03
CA ASP A 225 17.42 22.80 -15.58
C ASP A 225 16.50 22.16 -14.51
N PHE A 226 16.66 22.54 -13.24
CA PHE A 226 15.67 22.22 -12.21
C PHE A 226 14.37 22.98 -12.48
N ILE A 227 13.29 22.57 -11.85
CA ILE A 227 12.16 23.49 -11.72
C ILE A 227 12.51 24.46 -10.58
N PHE A 228 12.16 25.73 -10.74
CA PHE A 228 12.29 26.69 -9.65
C PHE A 228 10.90 27.21 -9.30
N ILE A 229 10.58 27.17 -8.01
CA ILE A 229 9.30 27.66 -7.52
C ILE A 229 9.65 28.74 -6.51
N HIS A 230 9.29 29.98 -6.81
CA HIS A 230 9.59 31.08 -5.90
C HIS A 230 8.33 31.53 -5.17
N PHE A 231 8.40 31.55 -3.85
CA PHE A 231 7.25 31.89 -3.01
C PHE A 231 7.33 33.34 -2.48
N LEU A 232 6.20 34.03 -2.53
CA LEU A 232 6.07 35.38 -1.97
C LEU A 232 5.08 35.28 -0.82
N PRO A 233 5.58 35.09 0.41
CA PRO A 233 4.77 34.78 1.57
C PRO A 233 3.68 35.83 1.84
N VAL A 234 4.01 37.08 1.60
CA VAL A 234 3.11 38.16 1.99
C VAL A 234 1.78 38.14 1.22
N ILE A 235 1.84 37.66 -0.02
CA ILE A 235 0.64 37.61 -0.86
C ILE A 235 0.28 36.18 -1.30
N ASP A 236 0.81 35.18 -0.58
CA ASP A 236 0.51 33.78 -0.86
C ASP A 236 0.49 33.51 -2.36
N THR A 237 1.58 33.88 -3.02
CA THR A 237 1.69 33.78 -4.47
C THR A 237 2.99 33.06 -4.84
N TRP A 238 2.93 32.15 -5.80
CA TRP A 238 4.13 31.49 -6.27
C TRP A 238 4.41 31.66 -7.76
N VAL A 239 5.69 31.53 -8.12
CA VAL A 239 6.15 31.78 -9.46
C VAL A 239 6.99 30.59 -9.92
N TRP A 240 6.65 30.00 -11.05
CA TRP A 240 7.40 28.85 -11.54
C TRP A 240 8.30 29.19 -12.72
N GLN A 241 9.41 28.48 -12.83
CA GLN A 241 10.26 28.45 -14.02
C GLN A 241 10.48 26.98 -14.40
N ILE A 242 10.00 26.57 -15.58
CA ILE A 242 10.10 25.19 -16.01
C ILE A 242 10.70 25.10 -17.41
N PRO A 243 11.81 24.36 -17.55
CA PRO A 243 12.39 24.17 -18.89
C PRO A 243 11.41 23.42 -19.80
N ILE A 244 11.30 23.87 -21.05
CA ILE A 244 10.49 23.18 -22.04
C ILE A 244 11.40 22.57 -23.12
N THR A 245 12.33 23.36 -23.65
CA THR A 245 13.41 22.85 -24.48
C THR A 245 14.74 23.43 -24.03
N ASP A 246 15.79 23.19 -24.79
CA ASP A 246 17.08 23.80 -24.48
C ASP A 246 16.96 25.33 -24.47
N THR A 247 16.02 25.88 -25.23
CA THR A 247 15.89 27.34 -25.30
C THR A 247 14.56 27.93 -24.85
N ILE A 248 13.53 27.10 -24.71
CA ILE A 248 12.22 27.59 -24.26
C ILE A 248 11.98 27.29 -22.78
N THR A 249 11.43 28.27 -22.09
CA THR A 249 11.11 28.14 -20.68
C THR A 249 9.66 28.55 -20.40
N SER A 250 8.98 27.77 -19.57
CA SER A 250 7.63 28.06 -19.14
C SER A 250 7.68 28.84 -17.82
N VAL A 251 6.92 29.91 -17.74
CA VAL A 251 6.91 30.75 -16.54
C VAL A 251 5.47 31.04 -16.18
N GLY A 252 5.13 30.89 -14.91
CA GLY A 252 3.76 31.05 -14.48
C GLY A 252 3.68 31.75 -13.15
N VAL A 253 2.59 32.47 -12.93
CA VAL A 253 2.32 33.12 -11.66
C VAL A 253 1.01 32.56 -11.14
N VAL A 254 1.01 32.15 -9.87
CA VAL A 254 -0.16 31.48 -9.30
C VAL A 254 -0.58 32.19 -8.02
N THR A 255 -1.86 32.55 -7.95
CA THR A 255 -2.34 33.35 -6.82
C THR A 255 -3.82 33.09 -6.54
N GLN A 256 -4.30 33.51 -5.37
CA GLN A 256 -5.72 33.37 -5.05
C GLN A 256 -6.58 34.15 -6.01
N LYS A 257 -7.72 33.59 -6.38
CA LYS A 257 -8.67 34.25 -7.27
C LYS A 257 -9.02 35.64 -6.76
N GLU A 258 -9.26 35.75 -5.46
CA GLU A 258 -9.66 37.04 -4.84
C GLU A 258 -8.65 38.13 -5.17
N ARG A 259 -7.38 37.76 -5.14
CA ARG A 259 -6.31 38.73 -5.39
C ARG A 259 -6.30 39.16 -6.85
N LEU A 260 -6.81 38.30 -7.72
CA LEU A 260 -7.03 38.67 -9.11
C LEU A 260 -8.36 39.42 -9.26
N ASP A 266 -4.96 45.12 -15.09
CA ASP A 266 -5.35 43.88 -15.76
C ASP A 266 -4.33 42.77 -15.49
N LEU A 267 -4.55 41.62 -16.11
CA LEU A 267 -3.79 40.41 -15.81
C LEU A 267 -2.33 40.46 -16.27
N GLU A 268 -2.11 41.03 -17.44
CA GLU A 268 -0.75 41.21 -17.95
C GLU A 268 0.10 41.98 -16.95
N LYS A 269 -0.48 43.01 -16.36
CA LYS A 269 0.23 43.85 -15.40
C LYS A 269 0.51 43.10 -14.08
N PHE A 270 -0.45 42.31 -13.62
CA PHE A 270 -0.27 41.53 -12.40
C PHE A 270 0.85 40.52 -12.58
N PHE A 271 0.84 39.82 -13.72
CA PHE A 271 1.90 38.88 -14.07
C PHE A 271 3.27 39.56 -13.95
N TRP A 272 3.45 40.67 -14.66
CA TRP A 272 4.75 41.33 -14.70
C TRP A 272 5.16 41.98 -13.39
N ASP A 273 4.23 42.61 -12.69
CA ASP A 273 4.54 43.20 -11.39
C ASP A 273 5.04 42.13 -10.44
N THR A 274 4.40 40.96 -10.47
CA THR A 274 4.81 39.84 -9.62
C THR A 274 6.23 39.36 -9.95
N LEU A 275 6.50 39.17 -11.23
CA LEU A 275 7.85 38.78 -11.66
C LEU A 275 8.86 39.85 -11.27
N GLY A 276 8.39 41.10 -11.21
CA GLY A 276 9.24 42.23 -10.89
C GLY A 276 9.71 42.25 -9.46
N SER A 277 9.21 41.33 -8.64
CA SER A 277 9.70 41.21 -7.27
C SER A 277 11.18 40.88 -7.33
N ARG A 278 11.65 40.55 -8.53
CA ARG A 278 13.04 40.16 -8.74
C ARG A 278 13.50 40.78 -10.03
N PRO A 279 13.97 42.03 -9.95
CA PRO A 279 14.19 42.92 -11.10
C PRO A 279 14.96 42.31 -12.27
N GLU A 280 15.96 41.47 -12.01
CA GLU A 280 16.76 40.96 -13.12
C GLU A 280 16.18 39.70 -13.79
N LEU A 281 15.30 38.98 -13.08
CA LEU A 281 14.53 37.94 -13.74
C LEU A 281 13.52 38.63 -14.64
N HIS A 282 12.85 39.62 -14.07
CA HIS A 282 11.89 40.42 -14.80
C HIS A 282 12.54 40.98 -16.07
N LYS A 283 13.72 41.56 -15.91
CA LYS A 283 14.44 42.12 -17.05
C LYS A 283 14.76 41.07 -18.10
N ALA A 284 15.38 39.98 -17.66
CA ALA A 284 15.77 38.89 -18.57
C ALA A 284 14.59 38.36 -19.38
N LEU A 285 13.41 38.31 -18.77
CA LEU A 285 12.23 37.78 -19.46
C LEU A 285 11.64 38.80 -20.41
N LYS A 286 11.68 40.06 -20.01
CA LYS A 286 11.20 41.14 -20.87
C LYS A 286 12.05 41.19 -22.14
N GLU A 287 13.33 40.90 -22.00
CA GLU A 287 14.24 40.96 -23.14
C GLU A 287 14.27 39.67 -23.95
N SER A 288 13.56 38.65 -23.48
CA SER A 288 13.47 37.42 -24.26
C SER A 288 12.25 37.46 -25.17
N GLU A 289 12.09 36.44 -26.00
CA GLU A 289 10.93 36.38 -26.90
C GLU A 289 9.75 35.67 -26.25
N GLN A 290 8.63 36.38 -26.06
CA GLN A 290 7.43 35.73 -25.58
C GLN A 290 6.75 35.01 -26.74
N VAL A 291 6.75 33.68 -26.68
CA VAL A 291 6.31 32.82 -27.78
CA VAL A 291 6.29 32.91 -27.83
C VAL A 291 4.80 32.56 -27.80
N ARG A 292 4.13 32.82 -26.68
CA ARG A 292 2.68 32.62 -26.60
C ARG A 292 2.02 33.75 -25.82
N PRO A 293 0.71 33.97 -26.05
CA PRO A 293 -0.01 34.98 -25.26
C PRO A 293 0.00 34.58 -23.79
N LEU A 294 -0.14 35.54 -22.88
CA LEU A 294 -0.36 35.17 -21.50
C LEU A 294 -1.69 34.43 -21.41
N LYS A 295 -1.67 33.27 -20.79
CA LYS A 295 -2.91 32.52 -20.59
C LYS A 295 -3.28 32.51 -19.12
N THR A 296 -4.55 32.70 -18.83
CA THR A 296 -5.03 32.62 -17.46
C THR A 296 -5.98 31.43 -17.35
N GLU A 297 -5.75 30.57 -16.36
CA GLU A 297 -6.61 29.39 -16.15
C GLU A 297 -6.85 29.11 -14.69
N GLY A 298 -7.87 28.31 -14.42
CA GLY A 298 -8.18 27.86 -13.08
C GLY A 298 -7.10 26.92 -12.56
N ASP A 299 -6.79 27.07 -11.28
CA ASP A 299 -5.82 26.22 -10.62
C ASP A 299 -6.38 25.84 -9.26
N TYR A 300 -7.70 25.96 -9.12
CA TYR A 300 -8.30 25.80 -7.81
C TYR A 300 -8.48 24.33 -7.42
N SER A 301 -8.39 24.08 -6.12
CA SER A 301 -8.54 22.74 -5.59
C SER A 301 -10.02 22.37 -5.43
N TYR A 302 -10.27 21.06 -5.49
CA TYR A 302 -11.61 20.48 -5.33
C TYR A 302 -11.44 19.00 -5.06
N ALA A 303 -12.47 18.38 -4.51
CA ALA A 303 -12.49 16.94 -4.34
C ALA A 303 -13.90 16.43 -4.56
N LEU A 304 -14.01 15.22 -5.11
CA LEU A 304 -15.30 14.60 -5.32
C LEU A 304 -15.69 13.83 -4.08
N THR A 305 -16.96 13.89 -3.72
CA THR A 305 -17.43 13.08 -2.59
C THR A 305 -17.65 11.63 -3.00
N LYS A 306 -17.65 11.39 -4.31
CA LYS A 306 -17.70 10.03 -4.83
C LYS A 306 -16.70 9.90 -5.99
N VAL A 307 -15.78 8.94 -5.91
CA VAL A 307 -14.81 8.72 -6.99
C VAL A 307 -15.01 7.38 -7.69
N CYS A 308 -16.01 6.64 -7.25
CA CYS A 308 -16.34 5.35 -7.85
C CYS A 308 -17.75 4.95 -7.43
N GLY A 309 -18.28 3.93 -8.09
CA GLY A 309 -19.63 3.46 -7.83
C GLY A 309 -19.87 2.29 -8.75
N ASP A 310 -21.10 1.80 -8.84
CA ASP A 310 -21.38 0.70 -9.76
C ASP A 310 -21.03 1.08 -11.20
N ASN A 311 -20.08 0.35 -11.78
CA ASN A 311 -19.69 0.54 -13.19
C ASN A 311 -19.04 1.89 -13.53
N PHE A 312 -18.48 2.60 -12.56
CA PHE A 312 -17.68 3.78 -12.89
C PHE A 312 -16.62 4.13 -11.84
N LEU A 313 -15.56 4.79 -12.29
CA LEU A 313 -14.64 5.47 -11.38
C LEU A 313 -13.98 6.64 -12.08
N MET A 314 -13.42 7.55 -11.30
CA MET A 314 -12.73 8.73 -11.83
C MET A 314 -11.24 8.59 -11.54
N VAL A 315 -10.40 9.02 -12.48
CA VAL A 315 -8.95 9.05 -12.26
C VAL A 315 -8.42 10.45 -12.51
N GLY A 316 -7.21 10.72 -12.02
CA GLY A 316 -6.53 11.98 -12.30
C GLY A 316 -7.29 13.19 -11.79
N ASP A 317 -7.22 14.30 -12.52
CA ASP A 317 -7.89 15.52 -12.07
C ASP A 317 -9.41 15.32 -12.00
N ALA A 318 -9.94 14.38 -12.78
CA ALA A 318 -11.39 14.16 -12.78
C ALA A 318 -11.88 13.70 -11.39
N ALA A 319 -10.95 13.21 -10.57
CA ALA A 319 -11.27 12.77 -9.21
C ALA A 319 -10.97 13.82 -8.14
N ARG A 320 -9.87 14.54 -8.29
CA ARG A 320 -9.43 15.51 -7.28
C ARG A 320 -8.31 16.42 -7.84
N PHE A 321 -8.20 17.63 -7.31
CA PHE A 321 -7.13 18.54 -7.72
C PHE A 321 -6.51 19.20 -6.50
N VAL A 322 -5.18 19.28 -6.48
CA VAL A 322 -4.44 19.99 -5.45
C VAL A 322 -3.40 20.93 -6.11
N ASP A 323 -3.04 21.99 -5.41
CA ASP A 323 -2.10 22.99 -5.93
C ASP A 323 -0.75 22.36 -6.28
N PRO A 324 -0.33 22.47 -7.54
CA PRO A 324 0.87 21.74 -8.02
C PRO A 324 2.22 22.40 -7.70
N ILE A 325 2.36 22.97 -6.52
CA ILE A 325 3.64 23.53 -6.10
C ILE A 325 4.72 22.47 -6.02
N PHE A 326 4.32 21.21 -5.90
CA PHE A 326 5.28 20.11 -5.87
C PHE A 326 5.29 19.28 -7.16
N SER A 327 4.73 19.84 -8.23
CA SER A 327 4.75 19.18 -9.55
C SER A 327 4.14 17.79 -9.44
N SER A 328 2.94 17.74 -8.88
CA SER A 328 2.33 16.50 -8.42
C SER A 328 1.29 15.90 -9.36
N GLY A 329 0.63 16.75 -10.13
CA GLY A 329 -0.55 16.36 -10.89
C GLY A 329 -0.43 15.20 -11.86
N VAL A 330 0.56 15.25 -12.74
CA VAL A 330 0.73 14.16 -13.68
C VAL A 330 1.11 12.85 -12.95
N SER A 331 1.89 12.93 -11.87
CA SER A 331 2.17 11.71 -11.10
C SER A 331 0.88 11.13 -10.49
N VAL A 332 -0.06 12.00 -10.09
CA VAL A 332 -1.35 11.48 -9.59
C VAL A 332 -2.16 10.85 -10.71
N ALA A 333 -2.14 11.51 -11.88
CA ALA A 333 -2.80 10.97 -13.06
C ALA A 333 -2.27 9.57 -13.37
N LEU A 334 -0.95 9.42 -13.41
CA LEU A 334 -0.38 8.14 -13.78
C LEU A 334 -0.59 7.08 -12.70
N ASN A 335 -0.45 7.47 -11.43
CA ASN A 335 -0.62 6.49 -10.35
C ASN A 335 -2.06 6.17 -10.01
N SER A 336 -2.96 7.14 -10.11
CA SER A 336 -4.39 6.80 -9.96
C SER A 336 -4.80 5.81 -11.07
N ALA A 337 -4.32 6.06 -12.29
CA ALA A 337 -4.52 5.12 -13.40
C ALA A 337 -3.97 3.73 -13.05
N ARG A 338 -2.76 3.67 -12.52
CA ARG A 338 -2.17 2.39 -12.17
C ARG A 338 -3.02 1.62 -11.16
N ILE A 339 -3.41 2.30 -10.08
CA ILE A 339 -4.15 1.68 -8.98
CA ILE A 339 -4.13 1.65 -8.98
C ILE A 339 -5.56 1.31 -9.40
N ALA A 340 -6.22 2.24 -10.08
CA ALA A 340 -7.56 1.98 -10.58
C ALA A 340 -7.52 0.82 -11.56
N SER A 341 -6.51 0.76 -12.42
CA SER A 341 -6.47 -0.32 -13.41
C SER A 341 -6.36 -1.69 -12.74
N ALA A 342 -5.65 -1.75 -11.62
CA ALA A 342 -5.54 -3.03 -10.90
C ALA A 342 -6.90 -3.52 -10.41
N ASP A 343 -7.70 -2.63 -9.86
CA ASP A 343 -9.06 -2.97 -9.43
C ASP A 343 -9.94 -3.32 -10.63
N ILE A 344 -9.76 -2.63 -11.76
CA ILE A 344 -10.58 -2.89 -12.95
CA ILE A 344 -10.61 -2.91 -12.93
C ILE A 344 -10.30 -4.27 -13.53
N ILE A 345 -9.02 -4.62 -13.61
CA ILE A 345 -8.61 -5.91 -14.14
C ILE A 345 -9.16 -7.04 -13.28
N ALA A 346 -9.06 -6.88 -11.95
CA ALA A 346 -9.62 -7.84 -11.01
C ALA A 346 -11.14 -7.91 -11.15
N ALA A 347 -11.79 -6.75 -11.34
CA ALA A 347 -13.25 -6.74 -11.53
C ALA A 347 -13.65 -7.49 -12.81
N HIS A 348 -12.92 -7.23 -13.89
CA HIS A 348 -13.10 -7.95 -15.15
C HIS A 348 -12.95 -9.45 -14.93
N ARG A 349 -11.97 -9.86 -14.13
CA ARG A 349 -11.76 -11.30 -13.87
C ARG A 349 -12.91 -11.90 -13.06
N ALA A 350 -13.56 -11.06 -12.25
CA ALA A 350 -14.67 -11.49 -11.41
C ALA A 350 -16.01 -11.39 -12.13
N GLY A 351 -16.01 -10.75 -13.30
CA GLY A 351 -17.24 -10.53 -14.04
C GLY A 351 -18.24 -9.65 -13.29
N ASP A 352 -17.73 -8.68 -12.55
CA ASP A 352 -18.57 -7.79 -11.78
C ASP A 352 -17.92 -6.41 -11.54
N TYR A 353 -18.68 -5.34 -11.75
CA TYR A 353 -18.12 -4.01 -11.65
C TYR A 353 -18.83 -3.15 -10.61
N SER A 354 -19.42 -3.79 -9.60
CA SER A 354 -20.09 -3.06 -8.53
C SER A 354 -19.08 -2.27 -7.68
N LYS A 355 -19.57 -1.26 -6.96
CA LYS A 355 -18.72 -0.32 -6.24
C LYS A 355 -17.63 -0.98 -5.37
N LYS A 356 -18.00 -2.04 -4.67
CA LYS A 356 -17.05 -2.69 -3.75
C LYS A 356 -15.77 -3.12 -4.45
N ARG A 357 -15.85 -3.40 -5.75
CA ARG A 357 -14.66 -3.82 -6.52
C ARG A 357 -13.55 -2.78 -6.49
N PHE A 358 -13.91 -1.53 -6.20
CA PHE A 358 -12.93 -0.45 -6.24
C PHE A 358 -12.62 0.12 -4.87
N ASP A 359 -12.94 -0.63 -3.82
CA ASP A 359 -12.64 -0.22 -2.44
C ASP A 359 -11.16 0.13 -2.25
N THR A 360 -10.28 -0.70 -2.80
CA THR A 360 -8.84 -0.44 -2.67
C THR A 360 -8.42 0.83 -3.40
N TYR A 361 -8.87 1.00 -4.64
CA TYR A 361 -8.56 2.23 -5.36
C TYR A 361 -9.04 3.45 -4.60
N GLU A 362 -10.28 3.39 -4.09
CA GLU A 362 -10.87 4.51 -3.36
C GLU A 362 -10.03 4.90 -2.13
N SER A 363 -9.60 3.89 -1.36
CA SER A 363 -8.76 4.12 -0.18
C SER A 363 -7.37 4.66 -0.53
N MET A 364 -6.73 4.08 -1.54
CA MET A 364 -5.37 4.48 -1.91
C MET A 364 -5.33 5.88 -2.51
N LEU A 365 -6.33 6.21 -3.34
CA LEU A 365 -6.44 7.57 -3.85
C LEU A 365 -6.66 8.60 -2.74
N ARG A 366 -7.51 8.26 -1.79
CA ARG A 366 -7.75 9.11 -0.64
C ARG A 366 -6.46 9.31 0.18
N ARG A 367 -5.78 8.21 0.48
CA ARG A 367 -4.51 8.24 1.20
C ARG A 367 -3.45 9.09 0.50
N GLY A 368 -3.17 8.78 -0.76
CA GLY A 368 -2.13 9.47 -1.48
C GLY A 368 -2.39 10.97 -1.67
N VAL A 369 -3.58 11.32 -2.12
CA VAL A 369 -3.86 12.73 -2.32
C VAL A 369 -4.10 13.51 -1.01
N ASN A 370 -4.59 12.84 0.03
CA ASN A 370 -4.59 13.45 1.36
C ASN A 370 -3.16 13.81 1.78
N ASN A 371 -2.20 12.93 1.48
CA ASN A 371 -0.80 13.19 1.78
C ASN A 371 -0.28 14.44 1.05
N TRP A 372 -0.57 14.53 -0.25
CA TRP A 372 -0.21 15.73 -1.00
C TRP A 372 -0.87 16.98 -0.40
N TYR A 373 -2.16 16.87 -0.06
CA TYR A 373 -2.93 18.03 0.40
C TYR A 373 -2.39 18.57 1.72
N GLU A 374 -2.03 17.65 2.59
CA GLU A 374 -1.48 17.99 3.90
C GLU A 374 -0.08 18.63 3.75
N PHE A 375 0.74 18.04 2.88
CA PHE A 375 2.05 18.59 2.57
C PHE A 375 1.90 20.01 2.05
N ILE A 376 1.00 20.20 1.08
CA ILE A 376 0.73 21.51 0.52
C ILE A 376 0.22 22.49 1.60
N SER A 377 -0.66 22.01 2.47
CA SER A 377 -1.22 22.84 3.56
C SER A 377 -0.10 23.39 4.45
N ILE A 378 0.84 22.52 4.81
CA ILE A 378 1.99 22.89 5.64
C ILE A 378 2.86 23.93 4.94
N TYR A 379 3.11 23.73 3.65
CA TYR A 379 3.91 24.66 2.85
C TYR A 379 3.33 26.06 2.97
N TYR A 380 2.01 26.16 2.86
CA TYR A 380 1.34 27.46 2.96
C TYR A 380 1.24 27.94 4.41
N ARG A 381 0.92 27.05 5.34
CA ARG A 381 0.69 27.47 6.73
C ARG A 381 1.96 27.89 7.50
N LEU A 382 3.07 27.18 7.30
CA LEU A 382 4.34 27.55 7.92
C LEU A 382 5.44 27.23 6.94
N ASN A 383 5.61 28.10 5.96
CA ASN A 383 6.53 27.84 4.87
C ASN A 383 7.97 27.68 5.35
N ILE A 384 8.38 28.42 6.38
CA ILE A 384 9.75 28.28 6.87
C ILE A 384 10.04 26.86 7.38
N LEU A 385 9.01 26.17 7.85
CA LEU A 385 9.19 24.82 8.36
C LEU A 385 9.41 23.84 7.19
N PHE A 386 8.68 24.06 6.10
CA PHE A 386 8.92 23.30 4.89
C PHE A 386 10.39 23.40 4.51
N THR A 387 10.88 24.63 4.40
CA THR A 387 12.28 24.88 4.04
C THR A 387 13.26 24.19 4.98
N ALA A 388 12.98 24.24 6.29
CA ALA A 388 13.82 23.57 7.28
C ALA A 388 13.80 22.05 7.14
N PHE A 389 12.63 21.47 6.88
CA PHE A 389 12.56 20.02 6.76
C PHE A 389 13.25 19.48 5.51
N VAL A 390 13.21 20.26 4.43
CA VAL A 390 13.87 19.86 3.20
C VAL A 390 15.39 19.89 3.41
N GLN A 391 15.86 20.93 4.08
CA GLN A 391 17.30 21.16 4.22
C GLN A 391 18.01 20.36 5.32
N ASP A 392 17.31 20.07 6.41
CA ASP A 392 17.91 19.40 7.57
C ASP A 392 18.04 17.90 7.35
N PRO A 393 19.27 17.39 7.46
CA PRO A 393 19.59 16.01 7.07
C PRO A 393 18.91 14.95 7.93
N ARG A 394 18.37 15.35 9.08
CA ARG A 394 17.58 14.42 9.87
C ARG A 394 16.25 14.07 9.21
N TYR A 395 15.75 14.99 8.39
CA TYR A 395 14.38 14.91 7.88
C TYR A 395 14.33 14.89 6.36
N ARG A 396 15.44 15.27 5.74
CA ARG A 396 15.51 15.50 4.31
C ARG A 396 15.03 14.30 3.49
N ILE A 397 15.47 13.10 3.85
CA ILE A 397 15.16 11.90 3.08
C ILE A 397 13.68 11.52 3.16
N ASP A 398 13.10 11.68 4.34
CA ASP A 398 11.68 11.39 4.54
C ASP A 398 10.82 12.42 3.81
N VAL A 399 11.30 13.65 3.76
CA VAL A 399 10.61 14.69 2.99
C VAL A 399 10.78 14.42 1.49
N LEU A 400 11.97 14.02 1.09
CA LEU A 400 12.23 13.72 -0.32
C LEU A 400 11.32 12.60 -0.84
N LYS A 401 10.98 11.63 0.01
CA LYS A 401 10.03 10.58 -0.40
C LYS A 401 8.71 11.17 -0.89
N MET A 402 8.23 12.21 -0.20
CA MET A 402 7.01 12.90 -0.63
C MET A 402 7.23 13.67 -1.93
N LEU A 403 8.33 14.39 -1.99
CA LEU A 403 8.63 15.24 -3.14
C LEU A 403 8.88 14.43 -4.40
N GLN A 404 9.22 13.16 -4.22
CA GLN A 404 9.44 12.24 -5.35
C GLN A 404 8.11 11.76 -5.89
N GLY A 405 7.04 11.99 -5.13
CA GLY A 405 5.70 11.58 -5.51
C GLY A 405 5.26 10.26 -4.91
N ASP A 406 6.10 9.72 -4.03
CA ASP A 406 5.90 8.39 -3.45
C ASP A 406 4.96 8.48 -2.24
N VAL A 407 3.69 8.79 -2.49
CA VAL A 407 2.75 9.13 -1.40
C VAL A 407 1.69 8.07 -1.12
N TYR A 408 1.77 6.93 -1.80
CA TYR A 408 0.70 5.93 -1.76
C TYR A 408 0.96 4.83 -0.73
N ASP A 409 2.16 4.87 -0.16
CA ASP A 409 2.70 3.84 0.71
C ASP A 409 2.18 3.87 2.13
N ASP A 410 1.73 5.03 2.55
CA ASP A 410 1.74 5.37 3.95
C ASP A 410 0.58 6.27 4.30
N GLU A 411 -0.31 5.78 5.16
CA GLU A 411 -1.43 6.57 5.64
C GLU A 411 -0.92 7.78 6.44
N GLU A 412 0.23 7.62 7.09
CA GLU A 412 0.77 8.64 7.99
C GLU A 412 2.26 8.82 7.80
N PRO A 413 2.67 9.48 6.70
CA PRO A 413 4.10 9.61 6.38
C PRO A 413 4.91 10.23 7.52
N LYS A 414 6.12 9.73 7.74
CA LYS A 414 6.94 10.15 8.86
C LYS A 414 7.14 11.67 8.88
N ALA A 415 7.62 12.22 7.76
CA ALA A 415 7.86 13.65 7.66
C ALA A 415 6.61 14.49 7.90
N LEU A 416 5.48 14.07 7.35
CA LEU A 416 4.24 14.81 7.47
C LEU A 416 3.74 14.89 8.91
N ALA A 417 3.78 13.76 9.62
CA ALA A 417 3.39 13.74 11.03
C ALA A 417 4.32 14.65 11.85
N ALA A 418 5.62 14.49 11.66
CA ALA A 418 6.61 15.33 12.33
C ALA A 418 6.33 16.82 12.13
N MET A 419 6.17 17.23 10.88
CA MET A 419 5.91 18.63 10.56
C MET A 419 4.58 19.10 11.13
N ARG A 420 3.58 18.22 11.07
CA ARG A 420 2.24 18.59 11.54
C ARG A 420 2.22 19.02 13.02
N GLU A 421 2.95 18.30 13.86
CA GLU A 421 2.93 18.64 15.28
C GLU A 421 3.75 19.88 15.58
N ILE A 422 4.71 20.20 14.72
CA ILE A 422 5.47 21.43 14.88
C ILE A 422 4.58 22.63 14.53
N VAL A 423 3.81 22.50 13.45
CA VAL A 423 2.86 23.54 13.10
C VAL A 423 1.89 23.75 14.25
N LYS A 424 1.38 22.67 14.83
CA LYS A 424 0.48 22.75 15.99
C LYS A 424 1.13 23.48 17.16
N ALA A 425 2.32 23.01 17.54
CA ALA A 425 3.06 23.61 18.66
C ALA A 425 3.23 25.11 18.44
N VAL A 426 3.55 25.49 17.20
CA VAL A 426 3.72 26.90 16.87
C VAL A 426 2.40 27.66 16.91
N GLU A 427 1.37 27.09 16.31
CA GLU A 427 0.06 27.73 16.29
C GLU A 427 -0.46 28.00 17.71
N GLU A 428 -0.23 27.03 18.60
CA GLU A 428 -0.81 27.07 19.95
C GLU A 428 0.01 27.86 20.96
N ASP A 429 1.16 28.36 20.53
CA ASP A 429 1.98 29.22 21.38
C ASP A 429 2.28 30.55 20.68
N PRO A 430 1.45 31.57 20.94
CA PRO A 430 1.71 32.86 20.28
C PRO A 430 3.02 33.50 20.75
N ASN A 431 3.69 32.87 21.72
CA ASN A 431 5.00 33.35 22.19
C ASN A 431 6.13 32.83 21.32
N HIS A 432 5.83 31.79 20.54
CA HIS A 432 6.84 31.14 19.70
C HIS A 432 7.48 32.14 18.76
N LEU A 433 8.80 32.08 18.66
CA LEU A 433 9.53 32.95 17.74
C LEU A 433 9.17 32.64 16.29
N TRP A 434 8.52 31.51 16.05
CA TRP A 434 8.13 31.17 14.69
C TRP A 434 6.68 31.56 14.40
N HIS A 435 5.91 31.79 15.47
CA HIS A 435 4.50 32.16 15.33
C HIS A 435 4.24 33.26 14.28
N PRO A 436 5.09 34.30 14.23
CA PRO A 436 4.83 35.38 13.26
C PRO A 436 4.96 34.93 11.80
N PHE A 437 5.48 33.74 11.57
CA PHE A 437 5.67 33.26 10.21
C PHE A 437 4.55 32.36 9.68
N LEU A 438 3.59 32.06 10.56
CA LEU A 438 2.38 31.33 10.14
C LEU A 438 1.68 32.09 9.02
N GLY A 439 1.40 31.40 7.91
CA GLY A 439 0.69 32.02 6.81
C GLY A 439 -0.81 32.07 7.05
N SER A 440 -1.51 32.88 6.27
CA SER A 440 -2.94 33.09 6.47
C SER A 440 -3.79 32.01 5.82
N LEU A 441 -3.21 31.23 4.92
CA LEU A 441 -3.96 30.18 4.24
C LEU A 441 -3.99 28.92 5.11
N LYS A 442 -5.14 28.59 5.66
CA LYS A 442 -5.20 27.48 6.61
C LYS A 442 -6.27 26.43 6.29
N ALA A 443 -5.84 25.18 6.07
CA ALA A 443 -6.72 24.00 6.04
C ALA A 443 -8.12 24.27 5.52
N PRO B 6 -30.78 -10.61 22.91
CA PRO B 6 -29.93 -10.92 24.07
C PRO B 6 -29.15 -9.74 24.61
N GLN B 7 -28.63 -9.93 25.81
CA GLN B 7 -27.87 -8.92 26.54
C GLN B 7 -26.55 -8.56 25.83
N PHE B 8 -25.81 -9.58 25.39
CA PHE B 8 -24.54 -9.37 24.72
C PHE B 8 -24.68 -9.27 23.21
N ASP B 9 -24.02 -8.28 22.62
CA ASP B 9 -24.01 -8.13 21.18
C ASP B 9 -23.21 -9.25 20.54
N VAL B 10 -22.06 -9.58 21.13
CA VAL B 10 -21.18 -10.57 20.49
C VAL B 10 -20.64 -11.58 21.49
N GLY B 11 -20.68 -12.85 21.11
CA GLY B 11 -20.05 -13.92 21.87
C GLY B 11 -18.88 -14.47 21.09
N ILE B 12 -17.71 -14.53 21.72
CA ILE B 12 -16.50 -14.95 21.04
C ILE B 12 -16.01 -16.29 21.57
N ILE B 13 -15.76 -17.23 20.68
CA ILE B 13 -15.24 -18.52 21.07
C ILE B 13 -13.72 -18.46 20.96
N GLY B 14 -13.01 -18.51 22.09
CA GLY B 14 -11.56 -18.53 22.10
C GLY B 14 -10.91 -17.20 22.46
N GLY B 15 -9.81 -17.23 23.19
CA GLY B 15 -9.16 -16.02 23.65
C GLY B 15 -7.71 -15.88 23.22
N GLY B 16 -7.34 -16.57 22.15
CA GLY B 16 -6.04 -16.41 21.53
C GLY B 16 -5.99 -15.06 20.83
N PRO B 17 -4.92 -14.82 20.05
CA PRO B 17 -4.74 -13.53 19.36
C PRO B 17 -5.96 -13.08 18.55
N ALA B 18 -6.58 -13.97 17.77
CA ALA B 18 -7.77 -13.59 16.99
C ALA B 18 -8.95 -13.20 17.91
N GLY B 19 -9.25 -14.03 18.90
CA GLY B 19 -10.36 -13.74 19.80
C GLY B 19 -10.17 -12.50 20.67
N SER B 20 -8.99 -12.36 21.26
CA SER B 20 -8.76 -11.20 22.11
C SER B 20 -8.68 -9.92 21.27
N THR B 21 -8.16 -10.00 20.06
CA THR B 21 -8.11 -8.80 19.22
C THR B 21 -9.52 -8.36 18.84
N THR B 22 -10.36 -9.32 18.47
CA THR B 22 -11.74 -9.04 18.13
C THR B 22 -12.45 -8.42 19.33
N ALA B 23 -12.26 -9.01 20.51
CA ALA B 23 -12.85 -8.51 21.73
C ALA B 23 -12.44 -7.06 22.00
N SER B 24 -11.16 -6.74 21.80
CA SER B 24 -10.70 -5.36 22.00
C SER B 24 -11.31 -4.36 21.02
N TYR B 25 -11.28 -4.66 19.73
CA TYR B 25 -11.92 -3.75 18.77
C TYR B 25 -13.38 -3.51 19.13
N LEU B 26 -14.11 -4.58 19.37
CA LEU B 26 -15.55 -4.49 19.59
C LEU B 26 -15.91 -3.76 20.90
N ALA B 27 -15.19 -4.07 21.97
CA ALA B 27 -15.45 -3.42 23.25
C ALA B 27 -15.08 -1.95 23.16
N ARG B 28 -14.00 -1.64 22.45
CA ARG B 28 -13.56 -0.25 22.33
C ARG B 28 -14.60 0.54 21.53
N ALA B 29 -15.34 -0.16 20.68
CA ALA B 29 -16.40 0.47 19.89
C ALA B 29 -17.73 0.56 20.64
N GLY B 30 -17.78 0.07 21.88
CA GLY B 30 -19.00 0.17 22.66
C GLY B 30 -19.93 -1.04 22.61
N LEU B 31 -19.54 -2.09 21.90
CA LEU B 31 -20.37 -3.29 21.85
C LEU B 31 -20.21 -4.10 23.13
N LYS B 32 -21.24 -4.84 23.50
CA LYS B 32 -21.17 -5.70 24.69
C LYS B 32 -20.63 -7.06 24.27
N VAL B 33 -19.47 -7.42 24.80
CA VAL B 33 -18.75 -8.61 24.32
C VAL B 33 -18.56 -9.65 25.44
N ALA B 34 -18.91 -10.89 25.18
CA ALA B 34 -18.61 -12.00 26.10
C ALA B 34 -17.65 -12.95 25.38
N LEU B 35 -16.55 -13.29 26.05
CA LEU B 35 -15.52 -14.14 25.42
C LEU B 35 -15.31 -15.37 26.29
N PHE B 36 -15.22 -16.54 25.65
CA PHE B 36 -15.06 -17.81 26.36
C PHE B 36 -13.80 -18.51 25.89
N GLU B 37 -12.86 -18.72 26.82
CA GLU B 37 -11.63 -19.42 26.50
C GLU B 37 -11.61 -20.72 27.31
N SER B 38 -11.40 -21.84 26.63
CA SER B 38 -11.52 -23.15 27.28
C SER B 38 -10.40 -23.39 28.29
N ASP B 39 -9.21 -22.84 27.98
CA ASP B 39 -8.04 -23.01 28.84
C ASP B 39 -7.92 -21.90 29.86
N ASN B 40 -6.90 -22.01 30.73
CA ASN B 40 -6.51 -20.93 31.62
C ASN B 40 -5.12 -20.44 31.24
N PHE B 41 -4.98 -19.15 30.95
CA PHE B 41 -3.70 -18.59 30.52
C PHE B 41 -2.83 -18.30 31.76
N PRO B 42 -1.52 -18.35 31.59
CA PRO B 42 -0.80 -18.63 30.34
C PRO B 42 -0.75 -20.12 29.99
N ARG B 43 -0.88 -20.44 28.70
CA ARG B 43 -0.76 -21.82 28.27
C ARG B 43 0.16 -21.91 27.07
N GLU B 44 0.95 -22.99 27.00
CA GLU B 44 1.94 -23.12 25.94
C GLU B 44 1.25 -23.23 24.59
N HIS B 45 1.91 -22.69 23.56
CA HIS B 45 1.32 -22.63 22.23
C HIS B 45 2.44 -22.28 21.26
N VAL B 46 2.51 -22.98 20.14
CA VAL B 46 3.55 -22.74 19.15
C VAL B 46 3.11 -21.56 18.27
N GLY B 47 4.02 -21.03 17.45
CA GLY B 47 3.67 -19.95 16.52
C GLY B 47 4.13 -18.62 17.04
N GLU B 48 5.44 -18.39 16.99
CA GLU B 48 6.08 -17.40 17.86
C GLU B 48 6.64 -16.15 17.21
N SER B 49 6.88 -16.21 15.91
CA SER B 49 7.59 -15.12 15.23
C SER B 49 6.58 -14.24 14.47
N LEU B 50 6.54 -12.95 14.79
CA LEU B 50 5.53 -12.05 14.20
C LEU B 50 6.03 -11.43 12.91
N VAL B 51 5.12 -10.92 12.10
CA VAL B 51 5.49 -10.05 10.99
C VAL B 51 4.85 -8.69 11.25
N PRO B 52 5.38 -7.63 10.63
CA PRO B 52 4.97 -6.29 11.04
C PRO B 52 3.54 -5.88 10.69
N ALA B 53 2.82 -6.68 9.91
CA ALA B 53 1.38 -6.40 9.72
C ALA B 53 0.60 -6.55 11.03
N THR B 54 1.21 -7.17 12.04
CA THR B 54 0.58 -7.16 13.37
C THR B 54 0.63 -5.76 14.03
N THR B 55 1.58 -4.92 13.62
CA THR B 55 1.81 -3.65 14.30
C THR B 55 0.65 -2.63 14.22
N PRO B 56 0.10 -2.41 13.01
CA PRO B 56 -1.00 -1.43 12.97
C PRO B 56 -2.21 -1.85 13.83
N VAL B 57 -2.47 -3.15 13.93
CA VAL B 57 -3.56 -3.68 14.74
C VAL B 57 -3.31 -3.48 16.25
N LEU B 58 -2.10 -3.83 16.70
CA LEU B 58 -1.70 -3.59 18.09
C LEU B 58 -1.85 -2.12 18.46
N VAL B 59 -1.47 -1.24 17.53
CA VAL B 59 -1.61 0.19 17.75
C VAL B 59 -3.08 0.59 17.78
N ASP B 60 -3.87 0.08 16.82
CA ASP B 60 -5.32 0.32 16.77
C ASP B 60 -5.99 0.10 18.12
N ILE B 61 -5.67 -1.04 18.74
CA ILE B 61 -6.32 -1.38 20.01
C ILE B 61 -5.51 -0.90 21.23
N ASP B 62 -4.42 -0.19 20.94
CA ASP B 62 -3.58 0.40 21.98
C ASP B 62 -2.91 -0.66 22.87
N ALA B 63 -2.52 -1.78 22.26
CA ALA B 63 -1.79 -2.82 22.97
C ALA B 63 -0.30 -2.78 22.65
N PHE B 64 0.09 -1.95 21.68
CA PHE B 64 1.48 -2.00 21.22
C PHE B 64 2.51 -1.66 22.29
N ASP B 65 2.28 -0.60 23.03
CA ASP B 65 3.22 -0.20 24.07
C ASP B 65 3.37 -1.28 25.14
N LYS B 66 2.27 -1.93 25.50
CA LYS B 66 2.30 -3.06 26.42
C LYS B 66 3.16 -4.19 25.91
N VAL B 67 3.03 -4.53 24.63
CA VAL B 67 3.84 -5.60 24.06
C VAL B 67 5.31 -5.23 24.07
N GLU B 68 5.62 -4.00 23.65
CA GLU B 68 7.01 -3.58 23.63
C GLU B 68 7.62 -3.60 25.04
N ALA B 69 6.84 -3.15 26.02
CA ALA B 69 7.32 -3.05 27.39
C ALA B 69 7.47 -4.43 28.07
N ALA B 70 6.87 -5.46 27.50
CA ALA B 70 6.96 -6.80 28.05
C ALA B 70 8.35 -7.42 27.86
N GLY B 71 9.16 -6.84 26.98
CA GLY B 71 10.52 -7.30 26.78
C GLY B 71 10.70 -8.45 25.82
N PHE B 72 9.68 -8.72 24.98
CA PHE B 72 9.80 -9.73 23.93
C PHE B 72 10.97 -9.36 23.03
N PRO B 73 11.72 -10.36 22.51
CA PRO B 73 12.84 -10.04 21.62
C PRO B 73 12.38 -9.27 20.38
N LYS B 74 13.14 -8.26 19.99
CA LYS B 74 12.81 -7.47 18.81
C LYS B 74 13.24 -8.20 17.54
N LYS B 75 12.36 -8.18 16.53
CA LYS B 75 12.61 -8.83 15.25
C LYS B 75 12.71 -7.79 14.14
N PHE B 76 13.92 -7.62 13.58
CA PHE B 76 14.14 -6.64 12.53
C PHE B 76 14.09 -7.22 11.12
N GLY B 77 14.14 -8.54 11.02
CA GLY B 77 14.15 -9.17 9.71
C GLY B 77 14.06 -10.68 9.76
N ALA B 78 14.41 -11.31 8.65
CA ALA B 78 14.23 -12.74 8.51
C ALA B 78 15.20 -13.26 7.47
N ALA B 79 15.61 -14.52 7.63
CA ALA B 79 16.47 -15.16 6.66
C ALA B 79 15.96 -16.57 6.31
N TRP B 80 15.98 -16.90 5.03
CA TRP B 80 15.57 -18.21 4.55
C TRP B 80 16.74 -18.89 3.85
N THR B 81 17.14 -20.06 4.33
CA THR B 81 18.26 -20.78 3.72
C THR B 81 17.81 -22.06 3.02
N SER B 82 18.64 -22.55 2.12
CA SER B 82 18.37 -23.82 1.46
C SER B 82 19.64 -24.69 1.47
N ALA B 83 19.47 -26.00 1.67
CA ALA B 83 20.61 -26.91 1.69
C ALA B 83 21.11 -27.18 0.26
N ASP B 84 20.52 -26.49 -0.70
CA ASP B 84 20.80 -26.69 -2.10
C ASP B 84 21.42 -25.40 -2.67
N SER B 85 22.44 -25.55 -3.51
CA SER B 85 23.10 -24.40 -4.11
C SER B 85 22.37 -23.86 -5.34
N GLY B 86 21.50 -24.68 -5.93
CA GLY B 86 20.72 -24.21 -7.06
C GLY B 86 21.44 -24.33 -8.40
N PRO B 87 20.76 -23.93 -9.48
CA PRO B 87 21.32 -24.06 -10.83
C PRO B 87 22.48 -23.09 -11.01
N SER B 88 23.43 -23.44 -11.87
CA SER B 88 24.56 -22.57 -12.13
C SER B 88 24.12 -21.36 -12.93
N ASP B 89 23.10 -21.55 -13.76
CA ASP B 89 22.57 -20.47 -14.60
C ASP B 89 21.53 -19.66 -13.82
N LYS B 90 21.81 -18.37 -13.64
CA LYS B 90 21.00 -17.50 -12.78
C LYS B 90 19.91 -16.76 -13.53
N MET B 91 19.86 -16.95 -14.84
CA MET B 91 18.79 -16.38 -15.66
C MET B 91 18.61 -14.87 -15.46
N GLY B 92 19.68 -14.15 -15.17
CA GLY B 92 19.63 -12.70 -15.09
C GLY B 92 19.42 -12.16 -13.68
N PHE B 93 19.12 -13.04 -12.75
CA PHE B 93 18.89 -12.64 -11.36
C PHE B 93 20.18 -12.25 -10.67
N THR B 94 20.16 -11.12 -9.96
CA THR B 94 21.34 -10.62 -9.26
C THR B 94 21.09 -10.56 -7.76
N GLY B 95 22.13 -10.22 -6.99
CA GLY B 95 22.00 -10.08 -5.56
C GLY B 95 22.11 -11.40 -4.81
N LEU B 96 22.49 -12.46 -5.53
CA LEU B 96 22.63 -13.78 -4.91
C LEU B 96 24.02 -14.00 -4.33
N ASP B 97 24.25 -13.50 -3.12
CA ASP B 97 25.55 -13.54 -2.48
C ASP B 97 26.08 -14.95 -2.25
N HIS B 98 25.17 -15.89 -2.00
CA HIS B 98 25.58 -17.27 -1.75
C HIS B 98 24.86 -18.23 -2.69
N ASP B 99 24.90 -17.95 -3.99
CA ASP B 99 24.14 -18.73 -4.94
C ASP B 99 22.69 -18.75 -4.46
N PHE B 100 22.05 -19.92 -4.48
CA PHE B 100 20.66 -20.01 -4.01
C PHE B 100 20.55 -20.51 -2.57
N ARG B 101 21.65 -20.46 -1.84
CA ARG B 101 21.69 -20.99 -0.49
C ARG B 101 21.07 -20.08 0.59
N ALA B 102 20.86 -18.81 0.27
CA ALA B 102 20.36 -17.89 1.29
C ALA B 102 19.72 -16.63 0.75
N ALA B 103 18.65 -16.22 1.41
CA ALA B 103 18.04 -14.92 1.18
C ALA B 103 17.74 -14.30 2.54
N GLU B 104 17.85 -12.98 2.62
CA GLU B 104 17.64 -12.30 3.89
C GLU B 104 17.10 -10.89 3.65
N ILE B 105 16.22 -10.44 4.53
CA ILE B 105 15.70 -9.08 4.44
C ILE B 105 15.51 -8.44 5.81
N MET B 106 15.45 -7.12 5.79
CA MET B 106 15.08 -6.35 6.96
C MET B 106 13.76 -5.66 6.64
N PHE B 107 12.84 -5.71 7.59
CA PHE B 107 11.49 -5.16 7.40
C PHE B 107 11.49 -3.68 7.06
N ASN B 108 12.50 -2.94 7.55
CA ASN B 108 12.58 -1.51 7.26
C ASN B 108 13.03 -1.14 5.85
N GLU B 109 13.22 -2.13 4.99
CA GLU B 109 13.59 -1.85 3.59
C GLU B 109 12.39 -1.36 2.79
N ARG B 110 11.20 -1.53 3.33
CA ARG B 110 10.00 -1.07 2.64
C ARG B 110 9.09 -0.37 3.62
N THR B 111 8.69 0.85 3.30
CA THR B 111 7.73 1.55 4.13
C THR B 111 6.40 0.79 4.15
N GLN B 112 5.87 0.57 5.35
CA GLN B 112 4.63 -0.18 5.50
C GLN B 112 3.62 0.71 6.22
N SER B 113 2.43 0.84 5.65
CA SER B 113 1.50 1.84 6.17
C SER B 113 1.12 1.50 7.61
N GLY B 114 1.19 2.49 8.50
CA GLY B 114 0.79 2.30 9.88
C GLY B 114 1.84 1.63 10.75
N VAL B 115 3.02 1.42 10.17
CA VAL B 115 4.14 0.80 10.89
C VAL B 115 5.22 1.83 11.16
N HIS B 116 5.37 2.17 12.44
CA HIS B 116 6.19 3.29 12.88
C HIS B 116 7.51 2.83 13.51
N LYS B 117 7.73 1.53 13.52
CA LYS B 117 8.97 0.98 14.09
C LYS B 117 9.69 0.11 13.07
N ASP B 118 10.99 -0.07 13.27
CA ASP B 118 11.79 -0.86 12.34
C ASP B 118 11.75 -2.33 12.72
N TYR B 119 11.04 -2.65 13.80
CA TYR B 119 10.98 -4.03 14.27
C TYR B 119 9.58 -4.48 14.65
N THR B 120 9.36 -5.77 14.66
CA THR B 120 8.24 -6.39 15.31
C THR B 120 8.86 -7.28 16.40
N PHE B 121 8.28 -8.41 16.73
CA PHE B 121 8.74 -9.22 17.85
C PHE B 121 8.71 -10.72 17.60
N HIS B 122 9.49 -11.45 18.37
CA HIS B 122 9.28 -12.89 18.55
C HIS B 122 8.71 -13.02 19.96
N VAL B 123 7.70 -13.88 20.16
CA VAL B 123 7.04 -13.94 21.46
C VAL B 123 6.91 -15.35 22.05
N ASP B 124 7.06 -15.45 23.37
CA ASP B 124 6.54 -16.59 24.13
C ASP B 124 5.02 -16.47 24.06
N ARG B 125 4.36 -17.36 23.32
CA ARG B 125 2.91 -17.23 23.11
C ARG B 125 2.07 -17.36 24.37
N GLY B 126 2.58 -18.06 25.39
CA GLY B 126 1.83 -18.16 26.63
C GLY B 126 1.69 -16.78 27.26
N GLN B 127 2.79 -16.04 27.27
CA GLN B 127 2.82 -14.70 27.81
C GLN B 127 2.13 -13.67 26.90
N PHE B 128 2.36 -13.81 25.60
CA PHE B 128 1.78 -12.89 24.62
C PHE B 128 0.25 -12.95 24.62
N ASP B 129 -0.31 -14.15 24.50
CA ASP B 129 -1.77 -14.30 24.49
C ASP B 129 -2.40 -13.87 25.81
N LEU B 130 -1.72 -14.13 26.91
CA LEU B 130 -2.19 -13.66 28.21
C LEU B 130 -2.24 -12.13 28.27
N LEU B 131 -1.15 -11.49 27.86
CA LEU B 131 -1.11 -10.03 27.86
C LEU B 131 -2.29 -9.47 27.06
N LEU B 132 -2.53 -10.04 25.88
CA LEU B 132 -3.58 -9.53 25.01
C LEU B 132 -4.99 -9.84 25.54
N LEU B 133 -5.14 -10.96 26.23
CA LEU B 133 -6.44 -11.30 26.78
C LEU B 133 -6.80 -10.37 27.93
N LYS B 134 -5.83 -10.08 28.81
CA LYS B 134 -6.05 -9.12 29.88
C LYS B 134 -6.31 -7.74 29.32
N HIS B 135 -5.65 -7.40 28.22
CA HIS B 135 -5.89 -6.12 27.56
C HIS B 135 -7.35 -6.01 27.08
N ALA B 136 -7.86 -7.08 26.47
CA ALA B 136 -9.25 -7.11 26.00
C ALA B 136 -10.21 -6.92 27.18
N GLU B 137 -9.89 -7.55 28.31
CA GLU B 137 -10.73 -7.34 29.48
C GLU B 137 -10.72 -5.89 29.94
N GLU B 138 -9.54 -5.29 29.90
CA GLU B 138 -9.42 -3.88 30.28
C GLU B 138 -10.24 -2.99 29.33
N GLN B 139 -10.40 -3.41 28.08
CA GLN B 139 -11.19 -2.63 27.11
C GLN B 139 -12.69 -2.71 27.38
N GLY B 140 -13.10 -3.72 28.16
CA GLY B 140 -14.47 -3.86 28.56
C GLY B 140 -15.10 -5.19 28.20
N ALA B 141 -14.37 -6.06 27.51
CA ALA B 141 -14.87 -7.39 27.19
C ALA B 141 -15.01 -8.23 28.46
N LYS B 142 -16.08 -9.01 28.54
CA LYS B 142 -16.29 -9.91 29.67
C LYS B 142 -15.63 -11.23 29.36
N VAL B 143 -14.52 -11.51 30.04
CA VAL B 143 -13.67 -12.64 29.71
C VAL B 143 -13.88 -13.80 30.69
N HIS B 144 -14.05 -15.02 30.15
CA HIS B 144 -14.20 -16.22 30.96
C HIS B 144 -13.16 -17.25 30.53
N GLN B 145 -12.42 -17.79 31.49
CA GLN B 145 -11.43 -18.82 31.18
C GLN B 145 -11.79 -20.13 31.88
N GLY B 146 -11.38 -21.25 31.31
CA GLY B 146 -11.74 -22.55 31.82
C GLY B 146 -13.16 -22.89 31.41
N VAL B 147 -13.68 -22.15 30.42
CA VAL B 147 -15.07 -22.28 29.98
C VAL B 147 -15.13 -22.56 28.48
N ARG B 148 -15.38 -23.81 28.14
CA ARG B 148 -15.41 -24.23 26.74
C ARG B 148 -16.79 -24.07 26.09
N VAL B 149 -16.82 -23.66 24.83
CA VAL B 149 -18.06 -23.64 24.05
C VAL B 149 -18.16 -24.96 23.26
N ASN B 150 -19.16 -25.76 23.57
CA ASN B 150 -19.31 -27.09 22.97
C ASN B 150 -20.10 -27.08 21.67
N ARG B 151 -20.95 -26.08 21.52
CA ARG B 151 -21.84 -26.04 20.37
C ARG B 151 -22.46 -24.66 20.27
N VAL B 152 -22.83 -24.27 19.04
CA VAL B 152 -23.61 -23.06 18.83
C VAL B 152 -24.97 -23.45 18.27
N ASN B 153 -26.04 -23.10 18.98
CA ASN B 153 -27.38 -23.42 18.52
C ASN B 153 -27.98 -22.26 17.72
N PHE B 154 -28.36 -22.53 16.48
CA PHE B 154 -28.93 -21.52 15.59
C PHE B 154 -30.45 -21.61 15.42
N ASP B 155 -31.10 -22.46 16.22
CA ASP B 155 -32.54 -22.70 16.08
C ASP B 155 -33.40 -21.47 16.35
N GLY B 156 -32.99 -20.64 17.31
CA GLY B 156 -33.78 -19.50 17.73
C GLY B 156 -33.56 -18.24 16.92
N ALA B 157 -34.21 -17.16 17.35
CA ALA B 157 -34.04 -15.85 16.73
C ALA B 157 -32.58 -15.42 16.72
N PHE B 158 -31.89 -15.64 17.82
CA PHE B 158 -30.47 -15.33 17.93
C PHE B 158 -29.67 -16.58 18.30
N PRO B 159 -28.39 -16.61 17.91
CA PRO B 159 -27.57 -17.76 18.25
C PRO B 159 -27.40 -17.93 19.77
N VAL B 160 -27.23 -19.17 20.20
CA VAL B 160 -26.98 -19.46 21.60
C VAL B 160 -25.69 -20.28 21.72
N LEU B 161 -24.78 -19.79 22.55
CA LEU B 161 -23.57 -20.54 22.83
C LEU B 161 -23.83 -21.54 23.95
N GLU B 162 -23.57 -22.81 23.68
CA GLU B 162 -23.73 -23.81 24.72
C GLU B 162 -22.37 -24.02 25.37
N THR B 163 -22.18 -23.40 26.54
CA THR B 163 -20.90 -23.47 27.24
C THR B 163 -20.94 -24.55 28.31
N SER B 164 -19.75 -24.89 28.82
CA SER B 164 -19.60 -25.91 29.85
C SER B 164 -18.91 -25.30 31.06
N VAL B 165 -19.61 -25.25 32.19
CA VAL B 165 -19.09 -24.74 33.44
C VAL B 165 -19.13 -25.85 34.47
N ALA B 166 -17.96 -26.38 34.82
CA ALA B 166 -17.89 -27.49 35.79
C ALA B 166 -18.94 -28.58 35.54
N GLY B 167 -18.95 -29.10 34.33
CA GLY B 167 -19.88 -30.16 33.98
C GLY B 167 -21.30 -29.70 33.76
N GLN B 168 -21.58 -28.42 34.03
CA GLN B 168 -22.90 -27.87 33.81
C GLN B 168 -22.96 -27.17 32.45
N ARG B 169 -24.10 -27.30 31.79
CA ARG B 169 -24.26 -26.66 30.49
C ARG B 169 -24.94 -25.32 30.68
N ALA B 170 -24.24 -24.25 30.33
CA ALA B 170 -24.78 -22.90 30.47
C ALA B 170 -25.00 -22.28 29.10
N LYS B 171 -26.25 -21.97 28.78
CA LYS B 171 -26.60 -21.44 27.48
C LYS B 171 -26.60 -19.91 27.46
N VAL B 172 -25.76 -19.34 26.61
CA VAL B 172 -25.59 -17.90 26.53
C VAL B 172 -26.06 -17.34 25.19
N PRO B 173 -27.21 -16.66 25.18
CA PRO B 173 -27.66 -16.04 23.92
C PRO B 173 -26.84 -14.80 23.59
N VAL B 174 -26.48 -14.63 22.33
CA VAL B 174 -25.73 -13.47 21.88
C VAL B 174 -26.30 -13.05 20.54
N LYS B 175 -26.11 -11.80 20.12
CA LYS B 175 -26.66 -11.37 18.83
C LYS B 175 -25.82 -11.86 17.65
N MET B 176 -24.54 -12.07 17.90
CA MET B 176 -23.60 -12.37 16.83
C MET B 176 -22.52 -13.27 17.39
N VAL B 177 -22.13 -14.32 16.65
CA VAL B 177 -21.05 -15.19 17.10
C VAL B 177 -19.76 -15.01 16.31
N VAL B 178 -18.64 -14.90 17.02
CA VAL B 178 -17.34 -14.90 16.37
C VAL B 178 -16.60 -16.14 16.82
N ASP B 179 -16.28 -17.01 15.87
CA ASP B 179 -15.53 -18.21 16.15
C ASP B 179 -14.04 -17.90 16.01
N ALA B 180 -13.34 -17.86 17.15
CA ALA B 180 -11.91 -17.59 17.18
C ALA B 180 -11.18 -18.76 17.85
N SER B 181 -11.68 -19.98 17.58
CA SER B 181 -11.20 -21.19 18.24
C SER B 181 -9.91 -21.77 17.65
N GLY B 182 -9.29 -21.06 16.71
CA GLY B 182 -8.04 -21.51 16.14
C GLY B 182 -8.20 -22.84 15.44
N ARG B 183 -7.16 -23.67 15.52
CA ARG B 183 -7.14 -24.94 14.80
C ARG B 183 -8.22 -25.92 15.27
N ARG B 184 -8.91 -25.63 16.36
CA ARG B 184 -10.02 -26.49 16.77
C ARG B 184 -11.21 -26.33 15.84
N THR B 185 -11.23 -25.22 15.08
CA THR B 185 -12.30 -24.94 14.11
C THR B 185 -13.66 -25.37 14.63
N GLN B 186 -14.07 -24.80 15.76
CA GLN B 186 -15.27 -25.25 16.45
C GLN B 186 -16.52 -25.16 15.58
N LEU B 187 -16.70 -24.01 14.93
CA LEU B 187 -17.90 -23.80 14.12
C LEU B 187 -17.79 -24.46 12.76
N GLY B 188 -16.61 -24.37 12.15
CA GLY B 188 -16.34 -25.00 10.86
C GLY B 188 -16.59 -26.49 10.89
N SER B 189 -16.18 -27.14 11.98
CA SER B 189 -16.41 -28.57 12.13
C SER B 189 -17.88 -28.87 12.42
N GLN B 190 -18.51 -28.03 13.22
CA GLN B 190 -19.94 -28.21 13.50
C GLN B 190 -20.76 -28.09 12.22
N LEU B 191 -20.40 -27.15 11.35
CA LEU B 191 -21.14 -26.94 10.11
C LEU B 191 -20.68 -27.87 8.97
N LYS B 192 -19.62 -28.63 9.23
CA LYS B 192 -19.06 -29.57 8.24
C LYS B 192 -18.60 -28.84 6.97
N VAL B 193 -17.93 -27.71 7.15
CA VAL B 193 -17.42 -26.96 6.01
C VAL B 193 -15.89 -26.91 5.97
N LYS B 194 -15.23 -27.73 6.78
CA LYS B 194 -13.77 -27.70 6.80
C LYS B 194 -13.20 -28.62 5.72
N GLU B 195 -12.39 -28.08 4.81
CA GLU B 195 -11.73 -28.91 3.79
C GLU B 195 -10.24 -29.02 4.04
N LYS B 196 -9.76 -30.21 4.39
CA LYS B 196 -8.34 -30.37 4.67
C LYS B 196 -7.54 -30.41 3.37
N ASP B 197 -6.35 -29.81 3.41
CA ASP B 197 -5.52 -29.72 2.23
C ASP B 197 -4.87 -31.08 1.94
N PRO B 198 -4.98 -31.57 0.70
CA PRO B 198 -4.46 -32.88 0.34
C PRO B 198 -2.94 -32.91 0.15
N VAL B 199 -2.32 -31.73 0.06
CA VAL B 199 -0.88 -31.65 -0.18
C VAL B 199 -0.11 -31.12 1.03
N PHE B 200 -0.58 -30.01 1.57
CA PHE B 200 0.08 -29.40 2.72
C PHE B 200 -0.42 -29.95 4.04
N ASN B 201 0.04 -31.16 4.36
CA ASN B 201 -0.44 -31.88 5.52
C ASN B 201 0.67 -32.01 6.56
N GLN B 202 1.38 -30.91 6.76
CA GLN B 202 2.55 -30.89 7.64
C GLN B 202 2.25 -31.19 9.11
N TYR B 203 3.24 -31.76 9.78
CA TYR B 203 3.26 -31.81 11.23
C TYR B 203 4.58 -31.20 11.70
N ALA B 204 4.65 -30.78 12.96
CA ALA B 204 5.83 -30.12 13.49
C ALA B 204 6.30 -30.75 14.79
N ILE B 205 7.62 -30.88 14.93
CA ILE B 205 8.26 -31.44 16.12
C ILE B 205 9.19 -30.35 16.64
N HIS B 206 8.97 -29.88 17.86
CA HIS B 206 9.66 -28.66 18.28
C HIS B 206 9.81 -28.57 19.79
N THR B 207 10.76 -27.76 20.22
CA THR B 207 10.94 -27.49 21.65
C THR B 207 11.75 -26.20 21.84
N TRP B 208 12.01 -25.87 23.11
CA TRP B 208 12.84 -24.72 23.47
C TRP B 208 14.22 -25.19 23.97
N PHE B 209 15.27 -24.46 23.56
CA PHE B 209 16.63 -24.68 24.06
C PHE B 209 17.17 -23.42 24.75
N ASP B 210 18.06 -23.61 25.71
CA ASP B 210 18.64 -22.52 26.47
C ASP B 210 20.15 -22.54 26.34
N ASN B 211 20.73 -21.40 25.96
CA ASN B 211 22.18 -21.23 25.99
C ASN B 211 22.57 -19.75 25.99
N PHE B 212 23.86 -19.49 26.19
CA PHE B 212 24.31 -18.12 26.33
C PHE B 212 24.84 -17.45 25.06
N GLN B 223 22.20 -10.05 12.80
CA GLN B 223 21.21 -11.02 12.35
C GLN B 223 20.82 -11.99 13.45
N SER B 224 21.55 -11.95 14.56
CA SER B 224 21.40 -12.94 15.62
C SER B 224 19.97 -13.09 16.14
N ASP B 225 19.16 -12.04 15.97
CA ASP B 225 17.76 -12.10 16.37
C ASP B 225 16.75 -12.08 15.21
N PHE B 226 17.20 -12.41 14.00
CA PHE B 226 16.29 -12.72 12.92
C PHE B 226 15.59 -14.03 13.25
N ILE B 227 14.50 -14.32 12.56
CA ILE B 227 14.08 -15.70 12.45
C ILE B 227 14.90 -16.32 11.33
N PHE B 228 15.28 -17.58 11.50
CA PHE B 228 15.92 -18.35 10.45
C PHE B 228 15.06 -19.53 10.07
N ILE B 229 14.77 -19.65 8.77
CA ILE B 229 14.04 -20.78 8.23
C ILE B 229 14.96 -21.53 7.27
N HIS B 230 15.22 -22.80 7.58
CA HIS B 230 16.13 -23.61 6.79
C HIS B 230 15.33 -24.63 5.97
N PHE B 231 15.44 -24.56 4.66
CA PHE B 231 14.71 -25.50 3.81
C PHE B 231 15.63 -26.62 3.38
N LEU B 232 15.09 -27.84 3.44
CA LEU B 232 15.80 -29.04 3.04
C LEU B 232 15.07 -29.71 1.87
N PRO B 233 15.42 -29.32 0.62
CA PRO B 233 14.64 -29.74 -0.55
C PRO B 233 14.56 -31.26 -0.70
N VAL B 234 15.60 -32.00 -0.30
CA VAL B 234 15.61 -33.44 -0.54
C VAL B 234 14.40 -34.10 0.13
N ILE B 235 13.92 -33.52 1.23
CA ILE B 235 12.79 -34.08 1.96
C ILE B 235 11.65 -33.06 2.21
N ASP B 236 11.61 -32.00 1.41
CA ASP B 236 10.59 -30.94 1.54
C ASP B 236 10.25 -30.69 3.00
N THR B 237 11.27 -30.31 3.77
CA THR B 237 11.14 -30.14 5.20
C THR B 237 11.78 -28.81 5.54
N TRP B 238 11.23 -28.09 6.52
CA TRP B 238 11.88 -26.87 6.98
C TRP B 238 12.14 -26.89 8.48
N VAL B 239 13.14 -26.11 8.89
CA VAL B 239 13.55 -26.05 10.28
C VAL B 239 13.58 -24.58 10.70
N TRP B 240 12.98 -24.28 11.84
CA TRP B 240 12.99 -22.90 12.31
C TRP B 240 13.88 -22.70 13.52
N GLN B 241 14.33 -21.46 13.66
CA GLN B 241 15.13 -21.03 14.78
C GLN B 241 14.57 -19.66 15.14
N ILE B 242 13.95 -19.56 16.32
CA ILE B 242 13.31 -18.32 16.76
C ILE B 242 13.74 -17.95 18.18
N PRO B 243 14.26 -16.72 18.37
CA PRO B 243 14.60 -16.25 19.72
C PRO B 243 13.36 -16.03 20.56
N ILE B 244 13.37 -16.53 21.79
CA ILE B 244 12.22 -16.38 22.68
C ILE B 244 12.58 -15.43 23.80
N THR B 245 13.81 -15.55 24.32
CA THR B 245 14.35 -14.54 25.22
C THR B 245 15.79 -14.30 24.85
N ASP B 246 16.54 -13.58 25.69
CA ASP B 246 17.96 -13.41 25.43
C ASP B 246 18.73 -14.75 25.47
N THR B 247 18.16 -15.77 26.11
CA THR B 247 18.85 -17.06 26.23
C THR B 247 18.11 -18.26 25.61
N ILE B 248 16.79 -18.13 25.48
CA ILE B 248 15.97 -19.22 24.97
C ILE B 248 15.71 -19.09 23.47
N THR B 249 15.86 -20.21 22.76
CA THR B 249 15.60 -20.29 21.34
C THR B 249 14.63 -21.41 21.01
N SER B 250 13.61 -21.10 20.23
CA SER B 250 12.65 -22.08 19.79
C SER B 250 13.11 -22.69 18.48
N VAL B 251 13.08 -24.02 18.39
CA VAL B 251 13.54 -24.75 17.21
C VAL B 251 12.51 -25.81 16.83
N GLY B 252 12.17 -25.86 15.55
CA GLY B 252 11.16 -26.78 15.09
C GLY B 252 11.48 -27.40 13.75
N VAL B 253 11.02 -28.63 13.57
CA VAL B 253 11.16 -29.34 12.30
C VAL B 253 9.76 -29.60 11.77
N VAL B 254 9.53 -29.23 10.53
CA VAL B 254 8.18 -29.26 9.96
C VAL B 254 8.21 -30.08 8.69
N THR B 255 7.41 -31.14 8.65
CA THR B 255 7.49 -32.07 7.53
C THR B 255 6.12 -32.67 7.20
N GLN B 256 5.97 -33.26 6.02
CA GLN B 256 4.73 -33.96 5.66
C GLN B 256 4.39 -35.11 6.61
N LYS B 257 3.11 -35.25 6.91
CA LYS B 257 2.65 -36.27 7.85
C LYS B 257 3.18 -37.67 7.47
N GLU B 258 3.28 -37.93 6.18
CA GLU B 258 3.73 -39.25 5.69
C GLU B 258 5.15 -39.60 6.16
N ARG B 259 6.05 -38.63 6.17
CA ARG B 259 7.41 -38.88 6.65
C ARG B 259 7.48 -39.29 8.11
N LEU B 260 6.55 -38.80 8.92
CA LEU B 260 6.54 -39.11 10.33
C LEU B 260 5.90 -40.46 10.59
N LYS B 261 4.90 -40.79 9.77
CA LYS B 261 4.27 -42.10 9.86
C LYS B 261 5.20 -43.21 9.38
N ALA B 262 5.80 -42.98 8.21
CA ALA B 262 6.68 -43.97 7.59
C ALA B 262 8.03 -44.09 8.29
N SER B 263 8.18 -43.41 9.42
CA SER B 263 9.45 -43.43 10.15
C SER B 263 9.58 -44.65 11.05
N LYS B 264 10.73 -45.31 10.96
CA LYS B 264 11.02 -46.48 11.79
C LYS B 264 11.25 -46.09 13.25
N ASP B 265 11.86 -44.94 13.47
CA ASP B 265 12.22 -44.53 14.83
C ASP B 265 11.20 -43.55 15.44
N ASP B 266 11.33 -43.32 16.74
CA ASP B 266 10.49 -42.35 17.41
C ASP B 266 10.78 -40.97 16.84
N LEU B 267 9.96 -39.99 17.19
CA LEU B 267 10.09 -38.70 16.53
C LEU B 267 11.27 -37.87 17.07
N GLU B 268 11.77 -38.19 18.25
CA GLU B 268 12.96 -37.50 18.75
C GLU B 268 14.15 -37.74 17.83
N LYS B 269 14.34 -38.99 17.41
CA LYS B 269 15.43 -39.33 16.51
C LYS B 269 15.24 -38.64 15.16
N PHE B 270 13.99 -38.54 14.70
CA PHE B 270 13.71 -37.87 13.44
C PHE B 270 14.13 -36.40 13.53
N PHE B 271 13.74 -35.75 14.63
CA PHE B 271 14.12 -34.37 14.91
C PHE B 271 15.63 -34.13 14.79
N TRP B 272 16.40 -34.94 15.51
CA TRP B 272 17.86 -34.75 15.51
C TRP B 272 18.54 -35.13 14.21
N ASP B 273 18.11 -36.23 13.59
CA ASP B 273 18.64 -36.60 12.28
C ASP B 273 18.41 -35.48 11.28
N THR B 274 17.26 -34.84 11.38
CA THR B 274 16.92 -33.78 10.46
C THR B 274 17.81 -32.56 10.70
N LEU B 275 18.05 -32.24 11.98
CA LEU B 275 18.92 -31.12 12.31
C LEU B 275 20.35 -31.36 11.81
N GLY B 276 20.70 -32.62 11.61
CA GLY B 276 22.00 -32.99 11.07
C GLY B 276 22.33 -32.34 9.74
N SER B 277 21.30 -31.95 8.99
CA SER B 277 21.48 -31.31 7.69
C SER B 277 22.14 -29.93 7.80
N ARG B 278 22.26 -29.45 9.03
CA ARG B 278 23.07 -28.27 9.33
C ARG B 278 23.88 -28.55 10.58
N PRO B 279 25.10 -29.10 10.41
CA PRO B 279 25.92 -29.65 11.49
C PRO B 279 26.24 -28.62 12.56
N GLU B 280 26.42 -27.36 12.16
CA GLU B 280 26.76 -26.31 13.11
C GLU B 280 25.56 -25.94 13.99
N LEU B 281 24.37 -25.95 13.40
CA LEU B 281 23.15 -25.78 14.19
C LEU B 281 22.98 -26.98 15.12
N HIS B 282 23.04 -28.18 14.53
CA HIS B 282 22.93 -29.42 15.28
C HIS B 282 23.87 -29.38 16.48
N LYS B 283 25.09 -28.93 16.23
CA LYS B 283 26.12 -28.85 17.27
C LYS B 283 25.78 -27.82 18.35
N ALA B 284 25.38 -26.63 17.92
CA ALA B 284 24.98 -25.59 18.84
C ALA B 284 23.87 -26.10 19.79
N LEU B 285 22.85 -26.74 19.24
CA LEU B 285 21.73 -27.26 20.04
C LEU B 285 22.08 -28.44 20.95
N LYS B 286 22.96 -29.33 20.48
CA LYS B 286 23.46 -30.43 21.32
C LYS B 286 24.16 -29.88 22.55
N GLU B 287 24.84 -28.76 22.38
CA GLU B 287 25.58 -28.11 23.47
C GLU B 287 24.72 -27.11 24.25
N SER B 288 23.44 -27.07 23.95
CA SER B 288 22.50 -26.25 24.71
C SER B 288 21.80 -27.11 25.72
N GLU B 289 21.05 -26.49 26.61
CA GLU B 289 20.16 -27.24 27.51
C GLU B 289 18.75 -27.23 26.92
N GLN B 290 18.18 -28.41 26.73
CA GLN B 290 16.80 -28.49 26.24
C GLN B 290 15.86 -28.21 27.41
N VAL B 291 14.93 -27.28 27.22
CA VAL B 291 14.11 -26.73 28.32
C VAL B 291 12.73 -27.37 28.45
N ARG B 292 12.24 -27.96 27.37
CA ARG B 292 10.95 -28.62 27.36
C ARG B 292 11.10 -29.92 26.58
N PRO B 293 10.20 -30.89 26.83
CA PRO B 293 10.19 -32.12 26.05
C PRO B 293 9.84 -31.77 24.61
N LEU B 294 10.25 -32.60 23.65
CA LEU B 294 9.88 -32.37 22.27
C LEU B 294 8.37 -32.57 22.11
N LYS B 295 7.73 -31.64 21.41
CA LYS B 295 6.29 -31.74 21.18
C LYS B 295 6.03 -31.96 19.70
N THR B 296 5.16 -32.92 19.38
CA THR B 296 4.71 -33.09 18.00
C THR B 296 3.25 -32.62 17.88
N GLU B 297 2.96 -31.77 16.91
CA GLU B 297 1.59 -31.29 16.74
C GLU B 297 1.24 -30.96 15.30
N GLY B 298 -0.05 -30.91 15.00
CA GLY B 298 -0.50 -30.68 13.64
C GLY B 298 -0.09 -29.32 13.10
N ASP B 299 0.26 -29.25 11.81
CA ASP B 299 0.60 -28.01 11.12
C ASP B 299 -0.03 -28.04 9.73
N TYR B 300 -1.06 -28.87 9.57
CA TYR B 300 -1.61 -29.13 8.25
C TYR B 300 -2.56 -28.00 7.82
N SER B 301 -2.56 -27.70 6.52
CA SER B 301 -3.41 -26.65 5.99
C SER B 301 -4.85 -27.12 5.77
N TYR B 302 -5.78 -26.17 5.79
CA TYR B 302 -7.18 -26.46 5.51
C TYR B 302 -7.86 -25.12 5.26
N ALA B 303 -9.04 -25.16 4.68
CA ALA B 303 -9.84 -23.96 4.46
C ALA B 303 -11.30 -24.30 4.68
N LEU B 304 -12.08 -23.34 5.19
CA LEU B 304 -13.53 -23.52 5.29
C LEU B 304 -14.20 -23.00 4.03
N THR B 305 -15.26 -23.69 3.61
CA THR B 305 -16.01 -23.25 2.44
C THR B 305 -17.01 -22.17 2.84
N LYS B 306 -17.18 -21.97 4.14
CA LYS B 306 -18.00 -20.92 4.71
C LYS B 306 -17.25 -20.25 5.85
N VAL B 307 -17.03 -18.94 5.79
CA VAL B 307 -16.41 -18.23 6.92
C VAL B 307 -17.34 -17.23 7.59
N CYS B 308 -18.56 -17.10 7.07
CA CYS B 308 -19.55 -16.21 7.65
C CYS B 308 -20.95 -16.58 7.19
N GLY B 309 -21.94 -16.07 7.89
CA GLY B 309 -23.33 -16.38 7.57
C GLY B 309 -24.20 -15.52 8.44
N ASP B 310 -25.50 -15.81 8.50
CA ASP B 310 -26.38 -15.05 9.37
C ASP B 310 -25.94 -15.26 10.83
N ASN B 311 -25.56 -14.16 11.49
CA ASN B 311 -25.18 -14.15 12.91
C ASN B 311 -23.90 -14.90 13.31
N PHE B 312 -23.00 -15.13 12.36
CA PHE B 312 -21.69 -15.72 12.70
C PHE B 312 -20.60 -15.41 11.68
N LEU B 313 -19.36 -15.53 12.13
CA LEU B 313 -18.20 -15.55 11.23
C LEU B 313 -17.01 -16.16 11.96
N MET B 314 -16.02 -16.59 11.19
CA MET B 314 -14.79 -17.19 11.72
C MET B 314 -13.63 -16.24 11.50
N VAL B 315 -12.73 -16.16 12.49
CA VAL B 315 -11.50 -15.39 12.34
C VAL B 315 -10.27 -16.27 12.63
N GLY B 316 -9.09 -15.81 12.20
CA GLY B 316 -7.86 -16.53 12.52
C GLY B 316 -7.79 -17.95 12.00
N ASP B 317 -7.17 -18.84 12.75
CA ASP B 317 -7.02 -20.22 12.28
C ASP B 317 -8.39 -20.92 12.16
N ALA B 318 -9.40 -20.44 12.88
CA ALA B 318 -10.76 -21.01 12.76
C ALA B 318 -11.37 -20.85 11.37
N ALA B 319 -10.87 -19.89 10.59
CA ALA B 319 -11.32 -19.71 9.21
C ALA B 319 -10.43 -20.44 8.20
N ARG B 320 -9.12 -20.45 8.42
CA ARG B 320 -8.21 -21.06 7.46
C ARG B 320 -6.82 -21.20 8.07
N PHE B 321 -6.06 -22.22 7.63
CA PHE B 321 -4.67 -22.39 8.09
C PHE B 321 -3.74 -22.59 6.91
N VAL B 322 -2.59 -21.90 6.90
CA VAL B 322 -1.58 -22.12 5.88
C VAL B 322 -0.22 -22.31 6.55
N ASP B 323 0.69 -22.99 5.86
CA ASP B 323 2.00 -23.32 6.44
C ASP B 323 2.77 -22.06 6.85
N PRO B 324 3.12 -21.91 8.14
CA PRO B 324 3.70 -20.65 8.62
C PRO B 324 5.19 -20.46 8.32
N ILE B 325 5.64 -20.86 7.13
CA ILE B 325 7.03 -20.61 6.71
C ILE B 325 7.39 -19.13 6.68
N PHE B 326 6.40 -18.28 6.51
CA PHE B 326 6.62 -16.83 6.49
C PHE B 326 6.16 -16.13 7.77
N SER B 327 5.91 -16.90 8.82
CA SER B 327 5.53 -16.34 10.12
C SER B 327 4.29 -15.49 9.98
N SER B 328 3.22 -16.10 9.45
CA SER B 328 2.08 -15.37 8.94
C SER B 328 0.84 -15.46 9.81
N GLY B 329 0.71 -16.54 10.59
CA GLY B 329 -0.54 -16.88 11.26
C GLY B 329 -1.06 -15.84 12.25
N VAL B 330 -0.20 -15.34 13.11
CA VAL B 330 -0.65 -14.33 14.06
C VAL B 330 -1.08 -13.04 13.35
N SER B 331 -0.39 -12.68 12.27
CA SER B 331 -0.78 -11.48 11.53
C SER B 331 -2.12 -11.69 10.88
N VAL B 332 -2.41 -12.92 10.46
CA VAL B 332 -3.75 -13.23 9.94
C VAL B 332 -4.79 -13.18 11.07
N ALA B 333 -4.47 -13.73 12.24
CA ALA B 333 -5.40 -13.66 13.37
C ALA B 333 -5.73 -12.20 13.68
N LEU B 334 -4.71 -11.34 13.77
CA LEU B 334 -4.94 -9.95 14.14
C LEU B 334 -5.66 -9.16 13.03
N ASN B 335 -5.24 -9.35 11.77
CA ASN B 335 -5.91 -8.64 10.68
C ASN B 335 -7.30 -9.13 10.35
N SER B 336 -7.53 -10.43 10.44
CA SER B 336 -8.89 -10.95 10.24
C SER B 336 -9.79 -10.39 11.33
N ALA B 337 -9.28 -10.30 12.55
CA ALA B 337 -10.02 -9.70 13.65
C ALA B 337 -10.33 -8.22 13.37
N ARG B 338 -9.36 -7.48 12.87
CA ARG B 338 -9.55 -6.08 12.54
C ARG B 338 -10.66 -5.88 11.50
N ILE B 339 -10.53 -6.61 10.39
CA ILE B 339 -11.44 -6.45 9.26
C ILE B 339 -12.85 -6.94 9.61
N ALA B 340 -12.92 -8.11 10.23
CA ALA B 340 -14.20 -8.65 10.66
C ALA B 340 -14.87 -7.68 11.64
N SER B 341 -14.09 -7.13 12.58
CA SER B 341 -14.67 -6.24 13.59
C SER B 341 -15.31 -4.99 12.98
N ALA B 342 -14.68 -4.45 11.93
CA ALA B 342 -15.26 -3.28 11.24
C ALA B 342 -16.63 -3.61 10.64
N ASP B 343 -16.77 -4.80 10.07
CA ASP B 343 -18.07 -5.25 9.54
C ASP B 343 -19.09 -5.46 10.66
N ILE B 344 -18.64 -6.03 11.77
CA ILE B 344 -19.53 -6.29 12.90
C ILE B 344 -20.05 -4.99 13.51
N ILE B 345 -19.18 -3.99 13.60
CA ILE B 345 -19.56 -2.68 14.15
C ILE B 345 -20.60 -1.99 13.26
N ALA B 346 -20.40 -2.06 11.95
CA ALA B 346 -21.36 -1.50 11.00
C ALA B 346 -22.69 -2.24 11.08
N ALA B 347 -22.62 -3.57 11.28
CA ALA B 347 -23.81 -4.41 11.41
C ALA B 347 -24.59 -4.08 12.68
N HIS B 348 -23.86 -3.93 13.78
CA HIS B 348 -24.45 -3.51 15.04
C HIS B 348 -25.20 -2.19 14.89
N ARG B 349 -24.57 -1.22 14.21
CA ARG B 349 -25.22 0.07 14.00
C ARG B 349 -26.51 -0.11 13.19
N ALA B 350 -26.44 -0.96 12.16
CA ALA B 350 -27.58 -1.22 11.30
C ALA B 350 -28.64 -2.09 11.96
N GLY B 351 -28.28 -2.69 13.10
CA GLY B 351 -29.20 -3.56 13.82
C GLY B 351 -29.50 -4.85 13.08
N ASP B 352 -28.58 -5.27 12.22
CA ASP B 352 -28.78 -6.51 11.45
C ASP B 352 -27.48 -7.29 11.23
N TYR B 353 -27.54 -8.60 11.42
CA TYR B 353 -26.35 -9.44 11.26
C TYR B 353 -26.51 -10.51 10.17
N SER B 354 -27.24 -10.19 9.11
CA SER B 354 -27.38 -11.11 7.98
C SER B 354 -26.05 -11.29 7.25
N LYS B 355 -25.90 -12.41 6.54
CA LYS B 355 -24.62 -12.77 5.94
C LYS B 355 -24.04 -11.66 5.09
N LYS B 356 -24.89 -10.91 4.39
CA LYS B 356 -24.40 -9.85 3.49
C LYS B 356 -23.60 -8.79 4.22
N ARG B 357 -23.86 -8.62 5.51
CA ARG B 357 -23.13 -7.63 6.30
C ARG B 357 -21.63 -7.91 6.34
N PHE B 358 -21.24 -9.14 6.01
CA PHE B 358 -19.85 -9.56 6.13
C PHE B 358 -19.18 -9.84 4.79
N ASP B 359 -19.78 -9.34 3.71
CA ASP B 359 -19.20 -9.50 2.37
C ASP B 359 -17.80 -8.92 2.27
N THR B 360 -17.60 -7.75 2.88
CA THR B 360 -16.29 -7.11 2.84
C THR B 360 -15.23 -7.98 3.52
N TYR B 361 -15.50 -8.41 4.75
CA TYR B 361 -14.60 -9.31 5.45
C TYR B 361 -14.35 -10.57 4.63
N GLU B 362 -15.40 -11.19 4.15
CA GLU B 362 -15.26 -12.45 3.39
C GLU B 362 -14.30 -12.29 2.21
N SER B 363 -14.48 -11.20 1.47
CA SER B 363 -13.62 -10.93 0.31
C SER B 363 -12.19 -10.58 0.69
N MET B 364 -12.00 -9.75 1.72
CA MET B 364 -10.64 -9.42 2.13
C MET B 364 -9.89 -10.61 2.70
N LEU B 365 -10.57 -11.44 3.49
CA LEU B 365 -9.93 -12.65 4.03
C LEU B 365 -9.53 -13.60 2.90
N ARG B 366 -10.45 -13.83 1.98
CA ARG B 366 -10.16 -14.64 0.81
C ARG B 366 -8.94 -14.09 0.06
N ARG B 367 -8.92 -12.78 -0.17
CA ARG B 367 -7.80 -12.16 -0.87
C ARG B 367 -6.48 -12.34 -0.12
N GLY B 368 -6.48 -12.00 1.17
CA GLY B 368 -5.27 -12.04 1.96
C GLY B 368 -4.73 -13.45 2.11
N VAL B 369 -5.59 -14.40 2.45
CA VAL B 369 -5.06 -15.74 2.69
C VAL B 369 -4.82 -16.51 1.37
N ASN B 370 -5.54 -16.16 0.30
CA ASN B 370 -5.15 -16.68 -1.01
C ASN B 370 -3.74 -16.24 -1.36
N ASN B 371 -3.41 -14.98 -1.09
CA ASN B 371 -2.06 -14.49 -1.37
C ASN B 371 -1.01 -15.24 -0.57
N TRP B 372 -1.23 -15.40 0.73
CA TRP B 372 -0.34 -16.22 1.55
C TRP B 372 -0.17 -17.63 0.97
N TYR B 373 -1.27 -18.28 0.61
CA TYR B 373 -1.25 -19.66 0.14
C TYR B 373 -0.48 -19.81 -1.18
N GLU B 374 -0.70 -18.85 -2.07
CA GLU B 374 -0.01 -18.85 -3.36
C GLU B 374 1.48 -18.64 -3.15
N PHE B 375 1.83 -17.71 -2.26
CA PHE B 375 3.22 -17.43 -1.91
C PHE B 375 3.90 -18.69 -1.36
N ILE B 376 3.24 -19.34 -0.42
CA ILE B 376 3.74 -20.60 0.11
C ILE B 376 3.86 -21.68 -0.98
N SER B 377 2.88 -21.76 -1.86
CA SER B 377 2.86 -22.75 -2.94
C SER B 377 4.10 -22.61 -3.83
N ILE B 378 4.45 -21.36 -4.13
CA ILE B 378 5.61 -21.06 -4.95
C ILE B 378 6.90 -21.44 -4.24
N TYR B 379 6.96 -21.15 -2.94
CA TYR B 379 8.15 -21.47 -2.13
C TYR B 379 8.45 -22.96 -2.23
N TYR B 380 7.42 -23.78 -2.15
CA TYR B 380 7.59 -25.24 -2.21
C TYR B 380 7.82 -25.75 -3.64
N ARG B 381 7.13 -25.15 -4.60
CA ARG B 381 7.18 -25.65 -5.98
C ARG B 381 8.48 -25.27 -6.69
N LEU B 382 8.98 -24.07 -6.45
CA LEU B 382 10.24 -23.64 -7.07
C LEU B 382 10.98 -22.74 -6.10
N ASN B 383 11.55 -23.36 -5.07
CA ASN B 383 12.17 -22.64 -3.97
C ASN B 383 13.28 -21.70 -4.42
N ILE B 384 14.06 -22.11 -5.42
CA ILE B 384 15.12 -21.24 -5.94
C ILE B 384 14.55 -19.94 -6.51
N LEU B 385 13.32 -19.96 -7.02
CA LEU B 385 12.73 -18.74 -7.55
C LEU B 385 12.36 -17.76 -6.41
N PHE B 386 11.87 -18.30 -5.31
CA PHE B 386 11.62 -17.48 -4.12
C PHE B 386 12.90 -16.73 -3.75
N THR B 387 13.98 -17.50 -3.60
CA THR B 387 15.26 -16.94 -3.20
C THR B 387 15.72 -15.86 -4.16
N ALA B 388 15.55 -16.11 -5.46
CA ALA B 388 15.94 -15.15 -6.48
C ALA B 388 15.15 -13.85 -6.37
N PHE B 389 13.85 -13.96 -6.10
CA PHE B 389 13.00 -12.79 -6.06
C PHE B 389 13.24 -11.92 -4.82
N VAL B 390 13.59 -12.56 -3.70
CA VAL B 390 13.89 -11.80 -2.49
C VAL B 390 15.20 -11.01 -2.65
N GLN B 391 16.17 -11.62 -3.32
CA GLN B 391 17.51 -11.07 -3.43
C GLN B 391 17.68 -10.06 -4.56
N ASP B 392 16.91 -10.21 -5.63
CA ASP B 392 17.06 -9.32 -6.79
C ASP B 392 16.38 -7.97 -6.57
N PRO B 393 17.17 -6.89 -6.58
CA PRO B 393 16.68 -5.53 -6.32
C PRO B 393 15.47 -5.12 -7.14
N ARG B 394 15.26 -5.76 -8.29
CA ARG B 394 14.11 -5.45 -9.14
C ARG B 394 12.79 -5.86 -8.50
N TYR B 395 12.82 -6.93 -7.70
CA TYR B 395 11.59 -7.56 -7.23
C TYR B 395 11.53 -7.58 -5.71
N ARG B 396 12.67 -7.31 -5.07
CA ARG B 396 12.80 -7.40 -3.62
C ARG B 396 11.69 -6.67 -2.86
N ILE B 397 11.42 -5.43 -3.23
CA ILE B 397 10.45 -4.63 -2.47
C ILE B 397 9.03 -5.16 -2.61
N ASP B 398 8.69 -5.67 -3.78
CA ASP B 398 7.35 -6.22 -3.99
C ASP B 398 7.18 -7.53 -3.22
N VAL B 399 8.25 -8.29 -3.11
CA VAL B 399 8.24 -9.53 -2.34
C VAL B 399 8.12 -9.18 -0.86
N LEU B 400 8.88 -8.18 -0.43
CA LEU B 400 8.89 -7.76 0.97
C LEU B 400 7.49 -7.37 1.44
N LYS B 401 6.71 -6.71 0.58
CA LYS B 401 5.32 -6.39 0.91
C LYS B 401 4.57 -7.63 1.44
N MET B 402 4.74 -8.77 0.77
CA MET B 402 4.12 -10.03 1.18
C MET B 402 4.74 -10.55 2.49
N LEU B 403 6.06 -10.51 2.58
CA LEU B 403 6.75 -10.99 3.78
C LEU B 403 6.45 -10.15 5.02
N GLN B 404 6.05 -8.89 4.80
CA GLN B 404 5.63 -8.02 5.89
C GLN B 404 4.23 -8.35 6.40
N GLY B 405 3.48 -9.14 5.62
CA GLY B 405 2.12 -9.50 5.99
C GLY B 405 1.06 -8.62 5.34
N ASP B 406 1.52 -7.72 4.47
CA ASP B 406 0.69 -6.71 3.82
C ASP B 406 -0.01 -7.30 2.59
N VAL B 407 -0.99 -8.17 2.82
CA VAL B 407 -1.53 -9.00 1.73
C VAL B 407 -2.99 -8.70 1.40
N TYR B 408 -3.58 -7.69 2.02
CA TYR B 408 -5.03 -7.52 1.95
C TYR B 408 -5.45 -6.48 0.91
N ASP B 409 -4.48 -5.87 0.24
CA ASP B 409 -4.71 -4.77 -0.71
C ASP B 409 -4.87 -5.21 -2.16
N ASP B 410 -4.05 -6.16 -2.57
CA ASP B 410 -3.97 -6.55 -3.96
C ASP B 410 -4.57 -7.93 -4.17
N GLU B 411 -5.52 -8.02 -5.10
CA GLU B 411 -6.06 -9.31 -5.50
C GLU B 411 -4.98 -10.12 -6.21
N GLU B 412 -4.09 -9.42 -6.91
CA GLU B 412 -3.02 -10.06 -7.68
C GLU B 412 -1.69 -9.36 -7.47
N PRO B 413 -1.03 -9.63 -6.33
CA PRO B 413 0.24 -8.97 -5.99
C PRO B 413 1.28 -9.11 -7.10
N LYS B 414 2.01 -8.03 -7.37
CA LYS B 414 2.99 -7.99 -8.44
C LYS B 414 3.94 -9.18 -8.42
N ALA B 415 4.58 -9.38 -7.27
CA ALA B 415 5.59 -10.41 -7.12
C ALA B 415 5.04 -11.82 -7.33
N LEU B 416 3.83 -12.09 -6.82
CA LEU B 416 3.24 -13.42 -6.97
C LEU B 416 2.89 -13.74 -8.42
N ALA B 417 2.26 -12.79 -9.09
CA ALA B 417 1.87 -12.95 -10.49
C ALA B 417 3.12 -13.16 -11.34
N ALA B 418 4.17 -12.42 -11.05
CA ALA B 418 5.43 -12.55 -11.80
C ALA B 418 6.08 -13.92 -11.56
N MET B 419 6.13 -14.33 -10.31
CA MET B 419 6.71 -15.62 -9.96
C MET B 419 5.91 -16.77 -10.54
N ARG B 420 4.58 -16.68 -10.46
CA ARG B 420 3.72 -17.74 -10.99
C ARG B 420 4.00 -17.96 -12.49
N GLU B 421 4.10 -16.87 -13.23
CA GLU B 421 4.38 -16.98 -14.66
C GLU B 421 5.69 -17.73 -14.90
N ILE B 422 6.68 -17.49 -14.07
CA ILE B 422 7.96 -18.19 -14.21
C ILE B 422 7.82 -19.68 -13.85
N VAL B 423 7.18 -19.98 -12.73
CA VAL B 423 6.92 -21.36 -12.35
C VAL B 423 6.27 -22.12 -13.52
N LYS B 424 5.24 -21.53 -14.11
CA LYS B 424 4.59 -22.12 -15.26
C LYS B 424 5.54 -22.41 -16.44
N ALA B 425 6.37 -21.43 -16.80
CA ALA B 425 7.34 -21.62 -17.88
C ALA B 425 8.23 -22.84 -17.59
N VAL B 426 8.78 -22.90 -16.39
CA VAL B 426 9.64 -24.01 -15.99
C VAL B 426 8.92 -25.35 -16.02
N GLU B 427 7.69 -25.38 -15.52
CA GLU B 427 6.91 -26.62 -15.50
C GLU B 427 6.61 -27.16 -16.90
N GLU B 428 6.47 -26.26 -17.85
CA GLU B 428 6.05 -26.63 -19.20
C GLU B 428 7.19 -27.16 -20.06
N ASP B 429 8.42 -27.01 -19.59
CA ASP B 429 9.58 -27.37 -20.38
C ASP B 429 10.53 -28.28 -19.59
N PRO B 430 10.47 -29.60 -19.85
CA PRO B 430 11.31 -30.53 -19.09
C PRO B 430 12.79 -30.29 -19.36
N ASN B 431 13.10 -29.52 -20.40
CA ASN B 431 14.49 -29.22 -20.72
C ASN B 431 14.99 -27.88 -20.17
N HIS B 432 14.10 -27.11 -19.55
CA HIS B 432 14.48 -25.86 -18.93
C HIS B 432 15.55 -26.13 -17.88
N LEU B 433 16.55 -25.27 -17.78
CA LEU B 433 17.64 -25.51 -16.83
C LEU B 433 17.17 -25.53 -15.38
N TRP B 434 16.01 -24.93 -15.13
CA TRP B 434 15.49 -24.87 -13.77
C TRP B 434 14.53 -26.00 -13.41
N HIS B 435 14.12 -26.76 -14.44
CA HIS B 435 13.17 -27.86 -14.24
C HIS B 435 13.53 -28.83 -13.11
N PRO B 436 14.83 -29.18 -12.97
CA PRO B 436 15.24 -30.15 -11.94
C PRO B 436 15.00 -29.64 -10.51
N PHE B 437 14.74 -28.36 -10.36
CA PHE B 437 14.60 -27.77 -9.03
C PHE B 437 13.14 -27.58 -8.62
N LEU B 438 12.23 -28.08 -9.46
CA LEU B 438 10.82 -28.10 -9.11
C LEU B 438 10.62 -29.05 -7.94
N GLY B 439 9.81 -28.63 -6.97
CA GLY B 439 9.55 -29.43 -5.79
C GLY B 439 8.37 -30.38 -5.97
N SER B 440 8.33 -31.41 -5.14
CA SER B 440 7.26 -32.40 -5.16
C SER B 440 5.88 -31.87 -4.73
N LEU B 441 5.85 -30.92 -3.81
CA LEU B 441 4.56 -30.43 -3.30
C LEU B 441 3.88 -29.51 -4.30
#